data_8A0K
#
_entry.id   8A0K
#
_cell.length_a   44.998
_cell.length_b   52.485
_cell.length_c   102.152
_cell.angle_alpha   84.110
_cell.angle_beta   84.420
_cell.angle_gamma   73.250
#
_symmetry.space_group_name_H-M   'P 1'
#
loop_
_entity.id
_entity.type
_entity.pdbx_description
1 polymer 'Protein kinase, putative'
2 non-polymer DI(HYDROXYETHYL)ETHER
3 water water
#
_entity_poly.entity_id   1
_entity_poly.type   'polypeptide(L)'
_entity_poly.pdbx_seq_one_letter_code
;SSVPPTPEERHMLLNGDWIRYYHFYPMEEEGGDSVAVTYHIQPGRTGVTFFNHSFSVHSAVLSVLEHIVYVVDRVDIEED
NDVARILSLAQALNEEKKIYDVLQLVETHDTHMLKQRRSPGIMSVYCPPQTAFQCNGDPFVFVRWYRFHMENSMSGFMLS
NGAVQVFVGGKYELRWLDDNRKFIVRSNGVCEVLDEEKFPLSEELNQMLYGGV
;
_entity_poly.pdbx_strand_id   A,B,C,D
#
# COMPACT_ATOMS: atom_id res chain seq x y z
N SER A 1 -36.96 -16.21 -8.79
CA SER A 1 -36.13 -15.68 -7.71
C SER A 1 -36.68 -14.32 -7.15
N SER A 2 -35.95 -13.69 -6.19
CA SER A 2 -36.37 -12.43 -5.54
C SER A 2 -35.67 -11.15 -6.10
N VAL A 3 -36.14 -9.96 -5.61
CA VAL A 3 -35.69 -8.60 -5.93
C VAL A 3 -34.16 -8.47 -5.97
N PRO A 4 -33.62 -7.83 -7.02
CA PRO A 4 -32.16 -7.64 -7.12
C PRO A 4 -31.59 -6.65 -6.09
N PRO A 5 -30.26 -6.48 -5.98
CA PRO A 5 -29.65 -5.62 -4.96
C PRO A 5 -29.99 -4.12 -5.05
N THR A 6 -30.56 -3.54 -3.98
CA THR A 6 -30.94 -2.13 -4.00
C THR A 6 -29.67 -1.25 -4.06
N PRO A 7 -29.74 0.01 -4.54
CA PRO A 7 -28.52 0.85 -4.57
C PRO A 7 -27.81 0.98 -3.21
N GLU A 8 -28.55 0.96 -2.11
CA GLU A 8 -27.98 1.03 -0.76
C GLU A 8 -27.26 -0.28 -0.43
N GLU A 9 -27.83 -1.43 -0.86
CA GLU A 9 -27.23 -2.74 -0.67
C GLU A 9 -25.97 -2.83 -1.49
N ARG A 10 -25.96 -2.31 -2.71
CA ARG A 10 -24.75 -2.39 -3.57
C ARG A 10 -23.67 -1.48 -3.01
N HIS A 11 -24.05 -0.33 -2.44
CA HIS A 11 -23.08 0.55 -1.80
C HIS A 11 -22.47 -0.11 -0.55
N MET A 12 -23.26 -0.90 0.19
CA MET A 12 -22.77 -1.58 1.39
C MET A 12 -21.85 -2.78 1.03
N LEU A 13 -22.21 -3.52 -0.01
CA LEU A 13 -21.44 -4.75 -0.34
C LEU A 13 -20.13 -4.40 -0.99
N LEU A 14 -19.97 -3.17 -1.47
CA LEU A 14 -18.74 -2.83 -2.23
C LEU A 14 -17.99 -1.70 -1.53
N ASN A 15 -18.66 -0.92 -0.68
CA ASN A 15 -17.91 0.08 0.08
C ASN A 15 -17.94 -0.07 1.61
N GLY A 16 -18.51 -1.15 2.13
CA GLY A 16 -18.53 -1.39 3.57
C GLY A 16 -17.18 -1.84 4.11
N ASP A 17 -17.13 -2.26 5.38
CA ASP A 17 -15.88 -2.76 5.97
C ASP A 17 -15.79 -4.25 5.70
N TRP A 18 -15.02 -4.63 4.69
CA TRP A 18 -14.85 -6.03 4.32
C TRP A 18 -13.36 -6.38 4.28
N ILE A 19 -13.04 -7.68 4.37
CA ILE A 19 -11.66 -8.16 4.28
C ILE A 19 -11.12 -7.96 2.87
N ARG A 20 -10.10 -7.10 2.74
CA ARG A 20 -9.42 -6.77 1.48
C ARG A 20 -8.41 -7.87 1.11
N TYR A 21 -7.79 -8.48 2.13
CA TYR A 21 -6.89 -9.60 1.94
C TYR A 21 -6.63 -10.29 3.27
N TYR A 22 -6.35 -11.59 3.22
CA TYR A 22 -6.10 -12.37 4.42
C TYR A 22 -5.04 -13.43 4.16
N HIS A 23 -4.31 -13.81 5.21
CA HIS A 23 -3.37 -14.91 5.14
C HIS A 23 -3.26 -15.54 6.54
N PHE A 24 -2.26 -16.39 6.83
CA PHE A 24 -2.18 -17.05 8.14
C PHE A 24 -0.90 -16.82 8.88
N TYR A 25 -0.90 -17.11 10.19
CA TYR A 25 0.27 -17.04 11.07
C TYR A 25 0.49 -18.46 11.56
N PRO A 26 1.70 -19.06 11.52
CA PRO A 26 2.99 -18.56 11.00
C PRO A 26 3.03 -18.43 9.48
N MET A 27 4.05 -17.76 8.94
CA MET A 27 4.09 -17.49 7.52
C MET A 27 5.20 -18.11 6.75
N GLU A 30 7.69 -19.24 7.89
CA GLU A 30 7.55 -20.72 7.96
C GLU A 30 6.90 -21.08 9.30
N GLY A 31 7.62 -21.82 10.14
CA GLY A 31 7.05 -22.26 11.42
C GLY A 31 6.13 -23.45 11.22
N GLY A 32 5.38 -23.83 12.25
CA GLY A 32 4.52 -25.01 12.15
C GLY A 32 3.23 -24.71 11.45
N ASP A 33 2.16 -25.42 11.82
CA ASP A 33 0.87 -25.24 11.13
C ASP A 33 0.27 -23.90 11.56
N SER A 34 -0.95 -23.61 11.12
CA SER A 34 -1.54 -22.27 11.37
C SER A 34 -2.12 -22.17 12.78
N VAL A 35 -1.96 -21.01 13.42
CA VAL A 35 -2.48 -20.81 14.80
C VAL A 35 -3.25 -19.50 14.81
N ALA A 36 -3.40 -18.89 13.64
CA ALA A 36 -4.12 -17.60 13.57
C ALA A 36 -4.34 -17.17 12.12
N VAL A 37 -5.37 -16.38 11.89
CA VAL A 37 -5.64 -15.84 10.56
C VAL A 37 -5.40 -14.32 10.64
N THR A 38 -4.63 -13.79 9.69
CA THR A 38 -4.36 -12.36 9.63
C THR A 38 -5.18 -11.73 8.51
N TYR A 39 -5.57 -10.46 8.67
CA TYR A 39 -6.44 -9.80 7.70
C TYR A 39 -6.31 -8.28 7.68
N HIS A 40 -6.82 -7.68 6.61
CA HIS A 40 -6.81 -6.24 6.46
C HIS A 40 -8.21 -5.80 6.08
N ILE A 41 -8.91 -5.10 7.00
CA ILE A 41 -10.28 -4.64 6.72
C ILE A 41 -10.33 -3.11 6.54
N GLN A 42 -9.72 -2.39 7.50
CA GLN A 42 -9.70 -0.94 7.58
C GLN A 42 -8.32 -0.35 7.30
N PRO A 43 -8.25 0.93 6.86
CA PRO A 43 -6.97 1.55 6.55
C PRO A 43 -6.04 1.70 7.75
N GLY A 44 -4.79 1.26 7.60
CA GLY A 44 -3.79 1.38 8.68
C GLY A 44 -3.93 0.28 9.71
N ARG A 45 -4.92 -0.58 9.54
CA ARG A 45 -5.18 -1.59 10.57
C ARG A 45 -4.99 -3.01 10.06
N THR A 46 -4.09 -3.75 10.72
CA THR A 46 -3.81 -5.15 10.40
C THR A 46 -4.23 -5.96 11.62
N GLY A 47 -5.19 -6.85 11.44
CA GLY A 47 -5.68 -7.67 12.55
C GLY A 47 -5.27 -9.13 12.49
N VAL A 48 -5.35 -9.81 13.64
CA VAL A 48 -5.03 -11.23 13.74
C VAL A 48 -6.09 -11.88 14.66
N THR A 49 -6.56 -13.10 14.33
CA THR A 49 -7.56 -13.79 15.15
C THR A 49 -7.04 -15.16 15.45
N PHE A 50 -6.89 -15.50 16.72
CA PHE A 50 -6.26 -16.76 17.14
C PHE A 50 -7.20 -17.94 17.16
N PHE A 51 -6.79 -19.05 16.53
CA PHE A 51 -7.55 -20.29 16.41
C PHE A 51 -7.72 -21.06 17.72
N ASN A 52 -6.70 -21.06 18.57
CA ASN A 52 -6.76 -21.86 19.80
C ASN A 52 -7.71 -21.30 20.84
N HIS A 53 -8.66 -22.13 21.29
CA HIS A 53 -9.61 -21.70 22.31
C HIS A 53 -9.02 -21.58 23.69
N SER A 54 -7.86 -22.20 23.96
CA SER A 54 -7.25 -22.11 25.29
C SER A 54 -6.58 -20.75 25.56
N PHE A 55 -6.26 -20.02 24.50
CA PHE A 55 -5.59 -18.74 24.53
C PHE A 55 -6.55 -17.62 25.01
N SER A 56 -6.05 -16.78 25.92
CA SER A 56 -6.86 -15.70 26.46
C SER A 56 -7.07 -14.52 25.51
N VAL A 57 -6.30 -14.37 24.38
CA VAL A 57 -6.59 -13.30 23.44
C VAL A 57 -7.26 -13.86 22.22
N HIS A 58 -8.50 -13.45 21.96
CA HIS A 58 -9.25 -13.89 20.79
C HIS A 58 -8.72 -13.18 19.54
N SER A 59 -8.63 -11.85 19.56
CA SER A 59 -8.14 -11.07 18.43
C SER A 59 -7.34 -9.86 18.88
N ALA A 60 -6.55 -9.31 17.98
CA ALA A 60 -5.79 -8.09 18.23
C ALA A 60 -5.66 -7.34 16.90
N VAL A 61 -5.82 -6.02 16.91
CA VAL A 61 -5.70 -5.21 15.70
C VAL A 61 -4.60 -4.16 15.91
N LEU A 62 -3.67 -4.03 14.96
CA LEU A 62 -2.57 -3.09 15.08
C LEU A 62 -2.72 -1.85 14.18
N SER A 63 -2.73 -0.66 14.79
CA SER A 63 -2.81 0.58 14.05
C SER A 63 -1.56 1.37 14.36
N VAL A 64 -0.52 1.18 13.53
CA VAL A 64 0.78 1.81 13.72
C VAL A 64 0.68 3.33 13.81
N LEU A 65 -0.06 3.97 12.88
CA LEU A 65 -0.19 5.44 12.85
C LEU A 65 -1.02 5.99 14.01
N GLU A 66 -2.01 5.21 14.48
CA GLU A 66 -2.84 5.57 15.62
C GLU A 66 -2.17 5.23 16.97
N HIS A 67 -1.00 4.54 16.94
CA HIS A 67 -0.20 4.11 18.09
C HIS A 67 -0.98 3.26 19.07
N ILE A 68 -1.92 2.46 18.58
CA ILE A 68 -2.73 1.60 19.43
C ILE A 68 -2.81 0.16 18.93
N VAL A 69 -3.12 -0.74 19.84
CA VAL A 69 -3.37 -2.15 19.62
C VAL A 69 -4.71 -2.40 20.30
N TYR A 70 -5.72 -2.81 19.54
CA TYR A 70 -7.05 -3.10 20.09
C TYR A 70 -7.06 -4.59 20.42
N VAL A 71 -7.24 -4.96 21.68
CA VAL A 71 -7.17 -6.36 22.10
C VAL A 71 -8.50 -6.94 22.55
N VAL A 72 -8.99 -7.99 21.88
CA VAL A 72 -10.24 -8.67 22.26
C VAL A 72 -9.89 -9.92 23.02
N ASP A 73 -10.35 -10.02 24.27
CA ASP A 73 -9.93 -11.16 25.13
C ASP A 73 -10.99 -12.27 25.08
N ARG A 74 -12.25 -11.90 24.89
CA ARG A 74 -13.32 -12.91 24.86
C ARG A 74 -14.48 -12.41 23.99
N VAL A 75 -15.09 -13.31 23.21
CA VAL A 75 -16.28 -12.96 22.39
C VAL A 75 -17.43 -13.86 22.83
N ASP A 76 -17.25 -14.58 23.94
CA ASP A 76 -18.29 -15.53 24.42
C ASP A 76 -19.58 -14.76 24.74
N ILE A 77 -19.46 -13.48 25.06
CA ILE A 77 -20.67 -12.66 25.32
C ILE A 77 -21.45 -13.30 26.47
N ASN A 81 -21.71 -9.62 24.75
CA ASN A 81 -20.58 -8.86 25.28
C ASN A 81 -19.25 -9.19 24.57
N ASP A 82 -18.44 -8.14 24.32
CA ASP A 82 -17.10 -8.30 23.71
C ASP A 82 -16.09 -7.62 24.63
N VAL A 83 -15.39 -8.41 25.48
CA VAL A 83 -14.41 -7.88 26.42
C VAL A 83 -13.19 -7.40 25.65
N ALA A 84 -13.05 -6.08 25.47
CA ALA A 84 -11.96 -5.50 24.69
C ALA A 84 -11.20 -4.41 25.42
N ARG A 85 -9.93 -4.24 25.06
CA ARG A 85 -9.01 -3.26 25.61
C ARG A 85 -8.39 -2.46 24.46
N ILE A 86 -7.94 -1.24 24.73
CA ILE A 86 -7.26 -0.42 23.75
C ILE A 86 -5.93 -0.05 24.38
N LEU A 87 -4.88 -0.77 24.02
CA LEU A 87 -3.55 -0.54 24.59
C LEU A 87 -2.70 0.29 23.67
N SER A 88 -1.79 1.07 24.22
CA SER A 88 -0.85 1.84 23.40
C SER A 88 0.26 0.87 22.91
N LEU A 89 1.10 1.32 21.95
CA LEU A 89 2.20 0.49 21.46
C LEU A 89 3.19 0.12 22.56
N ALA A 90 3.35 0.97 23.58
CA ALA A 90 4.26 0.65 24.69
C ALA A 90 3.62 -0.32 25.68
N GLN A 91 2.31 -0.20 25.89
CA GLN A 91 1.58 -1.10 26.78
C GLN A 91 1.52 -2.50 26.16
N ALA A 92 1.33 -2.58 24.84
CA ALA A 92 1.26 -3.86 24.13
C ALA A 92 2.63 -4.56 24.19
N LEU A 93 3.71 -3.81 24.04
CA LEU A 93 5.06 -4.36 24.09
C LEU A 93 5.40 -4.85 25.50
N ASN A 94 4.96 -4.12 26.54
CA ASN A 94 5.25 -4.48 27.93
C ASN A 94 4.23 -5.35 28.63
N GLU A 95 3.19 -5.83 27.94
CA GLU A 95 2.17 -6.65 28.60
C GLU A 95 1.77 -7.82 27.73
N GLU A 96 1.55 -7.57 26.43
CA GLU A 96 1.14 -8.63 25.53
C GLU A 96 2.23 -8.77 24.46
N LYS A 97 3.49 -8.91 24.88
CA LYS A 97 4.61 -9.00 23.93
C LYS A 97 4.43 -10.09 22.87
N LYS A 98 4.02 -11.31 23.24
CA LYS A 98 3.81 -12.40 22.26
C LYS A 98 2.88 -11.98 21.11
N ILE A 99 1.73 -11.37 21.44
CA ILE A 99 0.76 -10.90 20.46
C ILE A 99 1.28 -9.71 19.67
N TYR A 100 2.00 -8.81 20.33
CA TYR A 100 2.57 -7.64 19.67
C TYR A 100 3.61 -8.06 18.62
N ASP A 101 4.41 -9.08 18.94
CA ASP A 101 5.42 -9.61 18.03
C ASP A 101 4.79 -10.21 16.79
N VAL A 102 3.67 -10.94 16.94
CA VAL A 102 2.98 -11.52 15.80
C VAL A 102 2.39 -10.42 14.93
N LEU A 103 1.70 -9.47 15.56
CA LEU A 103 1.08 -8.32 14.89
C LEU A 103 2.11 -7.52 14.10
N GLN A 104 3.32 -7.37 14.64
CA GLN A 104 4.40 -6.61 13.99
C GLN A 104 5.09 -7.45 12.91
N LEU A 105 5.20 -8.78 13.10
CA LEU A 105 5.78 -9.69 12.10
C LEU A 105 4.92 -9.66 10.84
N VAL A 106 3.60 -9.72 11.04
CA VAL A 106 2.67 -9.75 9.97
C VAL A 106 2.56 -8.40 9.27
N GLU A 107 2.59 -7.29 10.02
CA GLU A 107 2.59 -5.96 9.43
C GLU A 107 3.85 -5.76 8.57
N THR A 108 5.00 -6.31 9.02
CA THR A 108 6.26 -6.23 8.28
C THR A 108 6.20 -7.08 7.02
N HIS A 109 5.55 -8.25 7.10
CA HIS A 109 5.39 -9.12 5.93
C HIS A 109 4.53 -8.43 4.87
N ASP A 110 3.32 -7.97 5.25
CA ASP A 110 2.37 -7.30 4.36
C ASP A 110 2.93 -6.07 3.66
N THR A 111 3.58 -5.17 4.40
CA THR A 111 4.16 -3.97 3.78
C THR A 111 5.32 -4.32 2.85
N HIS A 112 6.07 -5.38 3.18
CA HIS A 112 7.20 -5.83 2.35
C HIS A 112 6.68 -6.40 1.04
N MET A 113 5.54 -7.13 1.08
CA MET A 113 4.95 -7.71 -0.13
C MET A 113 4.45 -6.62 -1.05
N LEU A 114 3.81 -5.58 -0.49
CA LEU A 114 3.28 -4.47 -1.27
C LEU A 114 4.41 -3.61 -1.85
N LYS A 115 5.48 -3.37 -1.07
CA LYS A 115 6.63 -2.62 -1.59
C LYS A 115 7.37 -3.39 -2.72
N GLN A 116 7.04 -4.68 -2.92
CA GLN A 116 7.64 -5.56 -3.94
C GLN A 116 6.69 -5.84 -5.13
N ARG A 117 5.46 -5.27 -5.12
CA ARG A 117 4.40 -5.47 -6.11
C ARG A 117 3.74 -6.85 -6.04
N ARG A 118 4.08 -7.67 -5.04
CA ARG A 118 3.49 -8.98 -4.84
C ARG A 118 2.24 -8.85 -3.97
N SER A 119 1.33 -9.83 -4.05
CA SER A 119 0.10 -9.80 -3.26
C SER A 119 0.42 -10.17 -1.82
N PRO A 120 0.04 -9.31 -0.86
CA PRO A 120 0.36 -9.58 0.56
C PRO A 120 -0.29 -10.81 1.18
N GLY A 121 -1.37 -11.26 0.58
CA GLY A 121 -2.08 -12.45 1.04
C GLY A 121 -3.10 -12.91 0.03
N ILE A 122 -4.08 -13.69 0.47
CA ILE A 122 -5.16 -14.16 -0.39
C ILE A 122 -6.09 -12.99 -0.60
N MET A 123 -6.07 -12.45 -1.81
CA MET A 123 -6.82 -11.24 -2.14
C MET A 123 -8.29 -11.41 -2.29
N SER A 124 -9.04 -10.39 -1.87
CA SER A 124 -10.49 -10.37 -2.03
C SER A 124 -10.81 -10.25 -3.53
N VAL A 125 -11.94 -10.84 -3.99
CA VAL A 125 -12.32 -10.75 -5.41
C VAL A 125 -12.61 -9.30 -5.82
N TYR A 126 -13.11 -8.48 -4.89
CA TYR A 126 -13.41 -7.09 -5.17
C TYR A 126 -12.79 -6.14 -4.12
N CYS A 127 -11.74 -5.42 -4.52
CA CYS A 127 -11.14 -4.42 -3.60
C CYS A 127 -11.28 -3.04 -4.24
N PRO A 128 -11.87 -2.06 -3.54
CA PRO A 128 -12.12 -0.75 -4.13
C PRO A 128 -10.98 0.27 -4.04
N PRO A 129 -10.87 1.27 -4.96
CA PRO A 129 -9.88 2.33 -4.83
C PRO A 129 -10.10 2.93 -3.43
N GLN A 130 -9.16 2.70 -2.52
CA GLN A 130 -9.41 3.13 -1.12
C GLN A 130 -8.82 4.50 -0.81
N THR A 131 -9.60 5.37 -0.16
CA THR A 131 -9.05 6.66 0.31
C THR A 131 -7.97 6.26 1.31
N ALA A 132 -8.15 5.09 1.90
CA ALA A 132 -7.12 4.54 2.82
C ALA A 132 -6.59 5.63 3.75
N PHE A 133 -5.27 5.71 3.87
CA PHE A 133 -4.66 6.63 4.84
C PHE A 133 -4.76 5.97 6.22
N GLN A 134 -5.72 6.38 7.03
CA GLN A 134 -5.80 5.85 8.41
C GLN A 134 -7.25 5.87 8.87
N CYS A 135 -7.58 5.15 9.95
CA CYS A 135 -8.99 5.06 10.38
C CYS A 135 -9.16 5.88 11.65
N ASN A 136 -8.36 6.93 11.82
CA ASN A 136 -8.41 7.75 13.05
C ASN A 136 -9.87 7.88 13.50
N GLY A 137 -10.13 7.64 14.78
CA GLY A 137 -11.49 7.78 15.32
C GLY A 137 -12.34 6.56 15.01
N ASP A 138 -12.37 6.13 13.75
CA ASP A 138 -13.28 5.03 13.35
C ASP A 138 -13.16 3.86 14.33
N PRO A 139 -14.27 3.21 14.73
CA PRO A 139 -14.21 2.03 15.61
C PRO A 139 -13.41 0.87 15.00
N PHE A 140 -13.32 -0.26 15.71
CA PHE A 140 -12.50 -1.40 15.23
C PHE A 140 -13.38 -2.56 14.75
N VAL A 141 -13.08 -3.11 13.58
CA VAL A 141 -13.80 -4.24 12.98
C VAL A 141 -12.81 -5.36 12.95
N PHE A 142 -13.11 -6.46 13.61
CA PHE A 142 -12.20 -7.62 13.63
C PHE A 142 -12.98 -8.88 13.20
N VAL A 143 -12.32 -10.06 13.21
CA VAL A 143 -12.98 -11.30 12.86
C VAL A 143 -13.39 -12.04 14.11
N ARG A 144 -14.70 -12.29 14.28
CA ARG A 144 -15.25 -13.04 15.42
C ARG A 144 -15.01 -14.53 15.26
N TRP A 145 -15.24 -15.08 14.07
CA TRP A 145 -14.99 -16.50 13.81
C TRP A 145 -14.53 -16.73 12.39
N TYR A 146 -13.81 -17.81 12.19
CA TYR A 146 -13.29 -18.24 10.90
C TYR A 146 -13.65 -19.71 10.70
N ARG A 147 -13.95 -20.11 9.46
CA ARG A 147 -14.24 -21.49 9.15
C ARG A 147 -13.73 -21.79 7.77
N PHE A 148 -13.31 -23.03 7.57
CA PHE A 148 -12.87 -23.46 6.23
C PHE A 148 -13.51 -24.79 5.88
N HIS A 149 -14.01 -24.92 4.66
CA HIS A 149 -14.53 -26.23 4.17
C HIS A 149 -13.61 -26.57 3.00
N MET A 150 -12.89 -27.68 3.07
CA MET A 150 -11.85 -27.98 2.03
C MET A 150 -12.50 -28.55 0.76
N GLU A 151 -13.61 -29.25 0.89
CA GLU A 151 -14.21 -29.89 -0.31
C GLU A 151 -14.62 -28.82 -1.32
N ASN A 152 -14.93 -27.62 -0.86
CA ASN A 152 -15.42 -26.56 -1.79
C ASN A 152 -14.40 -25.44 -1.87
N SER A 153 -13.47 -25.40 -0.92
CA SER A 153 -12.45 -24.32 -0.90
C SER A 153 -13.11 -23.04 -0.37
N MET A 154 -14.12 -23.19 0.49
CA MET A 154 -14.76 -22.05 1.10
C MET A 154 -14.00 -21.61 2.35
N SER A 155 -13.86 -20.31 2.53
CA SER A 155 -13.23 -19.69 3.68
C SER A 155 -14.21 -18.64 4.18
N GLY A 156 -15.01 -18.99 5.17
CA GLY A 156 -15.99 -18.07 5.72
C GLY A 156 -15.49 -17.34 6.95
N PHE A 157 -15.85 -16.08 7.06
CA PHE A 157 -15.48 -15.25 8.20
C PHE A 157 -16.71 -14.52 8.69
N MET A 158 -16.83 -14.36 10.01
CA MET A 158 -17.90 -13.55 10.54
C MET A 158 -17.24 -12.39 11.20
N LEU A 159 -17.55 -11.19 10.72
CA LEU A 159 -16.94 -10.00 11.26
C LEU A 159 -17.68 -9.52 12.52
N SER A 160 -16.97 -8.77 13.38
CA SER A 160 -17.48 -8.22 14.62
C SER A 160 -18.71 -7.33 14.42
N ASN A 161 -18.88 -6.75 13.22
CA ASN A 161 -20.06 -5.92 12.95
C ASN A 161 -21.28 -6.72 12.46
N GLY A 162 -21.24 -8.06 12.57
CA GLY A 162 -22.33 -8.92 12.15
C GLY A 162 -22.28 -9.36 10.70
N ALA A 163 -21.42 -8.76 9.88
CA ALA A 163 -21.31 -9.12 8.47
C ALA A 163 -20.65 -10.47 8.29
N VAL A 164 -21.09 -11.25 7.29
CA VAL A 164 -20.45 -12.54 6.97
C VAL A 164 -19.81 -12.43 5.57
N GLN A 165 -18.58 -12.91 5.42
CA GLN A 165 -17.90 -12.84 4.14
C GLN A 165 -17.30 -14.20 3.82
N VAL A 166 -17.77 -14.84 2.76
CA VAL A 166 -17.32 -16.17 2.38
C VAL A 166 -16.52 -16.13 1.11
N PHE A 167 -15.32 -16.70 1.10
CA PHE A 167 -14.47 -16.73 -0.06
C PHE A 167 -14.59 -18.11 -0.70
N VAL A 168 -15.36 -18.23 -1.78
CA VAL A 168 -15.55 -19.53 -2.44
C VAL A 168 -14.53 -19.71 -3.53
N GLY A 169 -13.42 -20.29 -3.14
CA GLY A 169 -12.27 -20.50 -4.00
C GLY A 169 -11.71 -19.13 -4.31
N GLY A 170 -11.51 -18.89 -5.55
CA GLY A 170 -11.16 -17.55 -6.02
C GLY A 170 -12.24 -17.00 -6.93
N LYS A 171 -13.20 -17.86 -7.33
CA LYS A 171 -14.25 -17.61 -8.27
C LYS A 171 -15.15 -16.43 -7.89
N TYR A 172 -15.58 -16.36 -6.63
CA TYR A 172 -16.46 -15.27 -6.20
C TYR A 172 -16.51 -15.22 -4.65
N GLU A 173 -17.37 -14.34 -4.10
CA GLU A 173 -17.56 -14.20 -2.67
C GLU A 173 -19.04 -14.13 -2.33
N LEU A 174 -19.36 -14.41 -1.08
CA LEU A 174 -20.69 -14.26 -0.54
C LEU A 174 -20.57 -13.22 0.56
N ARG A 175 -21.36 -12.15 0.50
CA ARG A 175 -21.32 -11.11 1.53
C ARG A 175 -22.74 -10.81 1.97
N TRP A 176 -22.96 -10.61 3.29
CA TRP A 176 -24.28 -10.26 3.78
C TRP A 176 -24.26 -9.71 5.20
N LEU A 177 -25.34 -9.01 5.58
CA LEU A 177 -25.50 -8.48 6.93
C LEU A 177 -26.68 -9.23 7.54
N ASP A 178 -27.83 -9.28 6.82
CA ASP A 178 -29.02 -10.00 7.23
C ASP A 178 -28.99 -11.37 6.63
N ASP A 179 -29.05 -12.40 7.49
CA ASP A 179 -28.96 -13.80 7.13
C ASP A 179 -29.89 -14.23 5.99
N ASN A 180 -31.11 -13.66 5.89
CA ASN A 180 -32.05 -14.05 4.83
C ASN A 180 -32.00 -13.13 3.59
N ARG A 181 -30.81 -12.57 3.29
CA ARG A 181 -30.55 -11.73 2.13
C ARG A 181 -29.05 -11.73 1.90
N LYS A 182 -28.57 -12.87 1.39
CA LYS A 182 -27.18 -13.12 1.10
C LYS A 182 -26.88 -12.70 -0.35
N PHE A 183 -25.70 -12.14 -0.60
CA PHE A 183 -25.32 -11.71 -1.93
C PHE A 183 -24.09 -12.45 -2.48
N ILE A 184 -23.94 -12.36 -3.79
CA ILE A 184 -22.77 -12.97 -4.48
C ILE A 184 -22.02 -11.81 -5.12
N VAL A 185 -20.81 -11.55 -4.66
CA VAL A 185 -20.02 -10.41 -5.20
C VAL A 185 -18.95 -10.96 -6.14
N ARG A 186 -18.89 -10.40 -7.35
CA ARG A 186 -17.93 -10.84 -8.35
C ARG A 186 -16.80 -9.83 -8.53
N SER A 187 -15.68 -10.27 -9.13
CA SER A 187 -14.45 -9.48 -9.32
C SER A 187 -14.65 -8.11 -9.96
N ASN A 188 -15.62 -8.04 -10.86
CA ASN A 188 -15.97 -6.82 -11.59
C ASN A 188 -16.95 -5.87 -10.84
N GLY A 189 -17.32 -6.23 -9.61
CA GLY A 189 -18.19 -5.33 -8.82
C GLY A 189 -19.65 -5.57 -9.13
N VAL A 190 -19.97 -6.76 -9.64
CA VAL A 190 -21.40 -7.10 -9.88
C VAL A 190 -21.91 -7.80 -8.62
N CYS A 191 -22.98 -7.28 -8.04
CA CYS A 191 -23.57 -7.88 -6.83
C CYS A 191 -24.92 -8.48 -7.23
N GLU A 192 -25.18 -9.73 -6.85
CA GLU A 192 -26.47 -10.39 -7.16
C GLU A 192 -27.00 -11.10 -5.91
N VAL A 193 -28.32 -11.29 -5.82
CA VAL A 193 -28.95 -11.92 -4.67
C VAL A 193 -28.85 -13.42 -4.79
N LEU A 194 -28.25 -14.06 -3.80
CA LEU A 194 -28.10 -15.50 -3.78
C LEU A 194 -29.45 -16.16 -3.50
N ASP A 195 -29.97 -16.95 -4.45
CA ASP A 195 -31.23 -17.67 -4.24
C ASP A 195 -30.82 -18.97 -3.57
N GLU A 196 -30.75 -18.98 -2.24
CA GLU A 196 -30.33 -20.12 -1.44
C GLU A 196 -31.14 -21.41 -1.70
N GLU A 197 -32.35 -21.26 -2.25
CA GLU A 197 -33.22 -22.40 -2.59
C GLU A 197 -32.55 -23.25 -3.69
N LYS A 198 -31.94 -22.59 -4.68
CA LYS A 198 -31.29 -23.27 -5.78
C LYS A 198 -29.75 -23.19 -5.77
N PHE A 199 -29.15 -22.65 -4.71
CA PHE A 199 -27.68 -22.58 -4.60
C PHE A 199 -27.10 -23.97 -4.27
N PRO A 200 -26.05 -24.41 -4.98
CA PRO A 200 -25.54 -25.78 -4.77
C PRO A 200 -24.63 -25.98 -3.56
N LEU A 201 -24.07 -24.90 -3.02
CA LEU A 201 -23.23 -25.04 -1.83
C LEU A 201 -23.97 -24.62 -0.57
N SER A 202 -25.30 -24.74 -0.56
CA SER A 202 -26.14 -24.36 0.57
C SER A 202 -25.97 -25.28 1.76
N GLU A 203 -25.95 -26.61 1.55
CA GLU A 203 -25.77 -27.55 2.67
C GLU A 203 -24.38 -27.39 3.28
N GLU A 204 -23.37 -27.22 2.41
CA GLU A 204 -21.97 -27.01 2.80
C GLU A 204 -21.78 -25.69 3.54
N LEU A 205 -22.57 -24.66 3.19
CA LEU A 205 -22.51 -23.36 3.82
C LEU A 205 -23.21 -23.39 5.17
N ASN A 206 -24.37 -24.06 5.24
CA ASN A 206 -25.13 -24.16 6.48
C ASN A 206 -24.41 -24.93 7.55
N GLN A 207 -23.57 -25.90 7.18
CA GLN A 207 -22.79 -26.63 8.17
C GLN A 207 -21.68 -25.77 8.76
N MET A 208 -21.11 -24.85 7.94
CA MET A 208 -20.07 -23.90 8.33
C MET A 208 -20.63 -22.86 9.31
N LEU A 209 -21.78 -22.25 9.00
CA LEU A 209 -22.39 -21.27 9.88
C LEU A 209 -22.91 -21.84 11.20
N TYR A 210 -23.67 -22.95 11.14
CA TYR A 210 -24.32 -23.58 12.31
C TYR A 210 -23.69 -24.95 12.59
N GLY A 211 -22.50 -24.93 13.17
CA GLY A 211 -21.76 -26.13 13.52
C GLY A 211 -20.59 -25.88 14.46
N SER B 1 29.91 -11.53 -15.22
CA SER B 1 29.18 -10.29 -14.88
C SER B 1 27.68 -10.57 -14.54
N SER B 2 26.95 -9.54 -14.06
CA SER B 2 25.55 -9.59 -13.63
C SER B 2 24.57 -10.15 -14.67
N VAL B 3 23.66 -11.04 -14.21
CA VAL B 3 22.59 -11.71 -14.98
C VAL B 3 21.84 -10.75 -15.91
N PRO B 4 21.66 -11.13 -17.19
CA PRO B 4 20.97 -10.24 -18.13
C PRO B 4 19.47 -10.08 -17.85
N PRO B 5 18.77 -9.13 -18.49
CA PRO B 5 17.33 -8.95 -18.19
C PRO B 5 16.45 -10.18 -18.37
N THR B 6 15.63 -10.52 -17.36
CA THR B 6 14.73 -11.67 -17.38
C THR B 6 13.55 -11.41 -18.32
N PRO B 7 12.84 -12.46 -18.80
CA PRO B 7 11.71 -12.21 -19.71
C PRO B 7 10.65 -11.25 -19.17
N GLU B 8 10.38 -11.35 -17.88
CA GLU B 8 9.40 -10.43 -17.24
C GLU B 8 9.98 -9.02 -17.24
N GLU B 9 11.27 -8.90 -16.96
CA GLU B 9 11.92 -7.58 -16.91
C GLU B 9 11.77 -6.90 -18.28
N ARG B 10 12.08 -7.61 -19.36
CA ARG B 10 12.05 -6.97 -20.70
C ARG B 10 10.61 -6.57 -21.04
N HIS B 11 9.64 -7.26 -20.47
CA HIS B 11 8.21 -6.96 -20.78
C HIS B 11 7.84 -5.63 -20.14
N MET B 12 8.37 -5.38 -18.95
CA MET B 12 8.09 -4.09 -18.26
C MET B 12 8.88 -2.99 -18.95
N LEU B 13 10.15 -3.23 -19.24
CA LEU B 13 11.02 -2.21 -19.87
C LEU B 13 10.53 -1.85 -21.26
N LEU B 14 9.93 -2.80 -21.99
CA LEU B 14 9.56 -2.54 -23.40
C LEU B 14 8.04 -2.39 -23.59
N ASN B 15 7.23 -2.99 -22.72
CA ASN B 15 5.76 -2.96 -22.94
C ASN B 15 5.05 -2.28 -21.77
N GLY B 16 5.80 -1.81 -20.78
CA GLY B 16 5.18 -1.21 -19.58
C GLY B 16 4.64 0.18 -19.83
N ASP B 17 4.12 0.82 -18.78
CA ASP B 17 3.60 2.21 -18.89
C ASP B 17 4.75 3.18 -18.67
N TRP B 18 5.32 3.72 -19.75
CA TRP B 18 6.46 4.65 -19.65
C TRP B 18 6.14 5.92 -20.44
N ILE B 19 6.88 7.02 -20.17
CA ILE B 19 6.69 8.27 -20.89
C ILE B 19 7.15 8.13 -22.33
N ARG B 20 6.19 8.28 -23.26
CA ARG B 20 6.40 8.21 -24.72
C ARG B 20 6.96 9.55 -25.24
N TYR B 21 6.57 10.66 -24.63
CA TYR B 21 7.09 11.97 -24.94
C TYR B 21 6.71 12.99 -23.88
N TYR B 22 7.52 14.03 -23.71
CA TYR B 22 7.27 15.04 -22.70
C TYR B 22 7.72 16.40 -23.16
N HIS B 23 7.09 17.44 -22.66
CA HIS B 23 7.49 18.81 -22.92
C HIS B 23 7.08 19.68 -21.70
N PHE B 24 7.14 21.02 -21.78
CA PHE B 24 6.81 21.86 -20.64
C PHE B 24 5.65 22.80 -20.87
N TYR B 25 5.08 23.34 -19.79
CA TYR B 25 4.03 24.36 -19.82
C TYR B 25 4.65 25.59 -19.13
N PRO B 26 4.58 26.82 -19.69
CA PRO B 26 4.01 27.24 -20.98
C PRO B 26 4.85 26.79 -22.18
N MET B 27 4.30 26.92 -23.41
CA MET B 27 5.02 26.43 -24.58
C MET B 27 5.39 27.52 -25.58
N GLY B 31 6.27 30.77 -23.48
CA GLY B 31 5.85 32.03 -22.87
C GLY B 31 6.35 32.19 -21.44
N GLY B 32 7.65 32.41 -21.28
CA GLY B 32 8.23 32.57 -19.96
C GLY B 32 8.64 31.27 -19.31
N ASP B 33 9.16 31.37 -18.08
CA ASP B 33 9.66 30.23 -17.30
C ASP B 33 8.63 29.14 -17.06
N SER B 34 9.07 27.88 -17.10
CA SER B 34 8.19 26.73 -16.97
C SER B 34 7.62 26.58 -15.60
N VAL B 35 6.35 26.18 -15.51
CA VAL B 35 5.63 25.95 -14.25
C VAL B 35 5.06 24.53 -14.12
N ALA B 36 5.21 23.70 -15.17
CA ALA B 36 4.71 22.33 -15.18
C ALA B 36 5.41 21.51 -16.26
N VAL B 37 5.38 20.19 -16.14
CA VAL B 37 5.91 19.29 -17.16
C VAL B 37 4.72 18.50 -17.71
N THR B 38 4.59 18.43 -19.04
CA THR B 38 3.50 17.68 -19.68
C THR B 38 4.05 16.38 -20.26
N TYR B 39 3.24 15.34 -20.32
CA TYR B 39 3.71 14.02 -20.75
C TYR B 39 2.62 13.10 -21.29
N HIS B 40 3.03 12.05 -22.00
CA HIS B 40 2.11 11.08 -22.54
C HIS B 40 2.59 9.70 -22.19
N ILE B 41 1.85 8.99 -21.30
CA ILE B 41 2.26 7.65 -20.90
C ILE B 41 1.33 6.56 -21.47
N GLN B 42 0.02 6.76 -21.34
CA GLN B 42 -1.01 5.83 -21.77
C GLN B 42 -1.81 6.36 -22.96
N PRO B 43 -2.41 5.46 -23.78
CA PRO B 43 -3.17 5.93 -24.95
C PRO B 43 -4.31 6.88 -24.60
N GLY B 44 -4.45 7.96 -25.37
CA GLY B 44 -5.52 8.94 -25.16
C GLY B 44 -5.41 9.77 -23.90
N ARG B 45 -4.33 9.55 -23.15
CA ARG B 45 -4.16 10.25 -21.84
C ARG B 45 -2.96 11.21 -21.87
N THR B 46 -3.20 12.51 -21.65
CA THR B 46 -2.17 13.54 -21.61
C THR B 46 -2.16 14.12 -20.20
N GLY B 47 -1.04 13.97 -19.50
CA GLY B 47 -0.92 14.45 -18.14
C GLY B 47 -0.04 15.65 -17.96
N VAL B 48 -0.18 16.32 -16.81
CA VAL B 48 0.62 17.49 -16.46
C VAL B 48 0.97 17.41 -14.97
N THR B 49 2.20 17.78 -14.59
CA THR B 49 2.62 17.75 -13.19
C THR B 49 3.17 19.13 -12.84
N PHE B 50 2.57 19.78 -11.85
CA PHE B 50 2.91 21.15 -11.51
C PHE B 50 4.11 21.32 -10.59
N PHE B 51 5.01 22.23 -10.97
CA PHE B 51 6.22 22.55 -10.22
C PHE B 51 5.97 23.39 -8.96
N ASN B 52 4.91 24.22 -8.93
CA ASN B 52 4.65 25.06 -7.76
C ASN B 52 3.16 25.04 -7.31
N HIS B 53 2.88 25.60 -6.14
CA HIS B 53 1.55 25.65 -5.57
C HIS B 53 0.66 26.74 -6.15
N SER B 54 1.06 27.41 -7.26
CA SER B 54 0.17 28.38 -7.93
C SER B 54 -1.05 27.63 -8.52
N PHE B 55 -0.85 26.37 -8.91
CA PHE B 55 -1.89 25.43 -9.28
C PHE B 55 -2.01 24.63 -8.01
N SER B 56 -3.20 24.59 -7.39
CA SER B 56 -3.34 23.87 -6.15
C SER B 56 -3.75 22.41 -6.33
N VAL B 57 -2.98 21.64 -7.14
CA VAL B 57 -3.09 20.22 -7.54
C VAL B 57 -1.68 19.78 -7.93
N HIS B 58 -1.27 18.57 -7.51
CA HIS B 58 0.04 18.03 -7.85
C HIS B 58 0.09 17.63 -9.33
N SER B 59 -0.88 16.82 -9.78
CA SER B 59 -0.94 16.37 -11.17
C SER B 59 -2.38 16.22 -11.67
N ALA B 60 -2.58 16.22 -12.98
CA ALA B 60 -3.90 16.05 -13.59
C ALA B 60 -3.71 15.36 -14.93
N VAL B 61 -4.55 14.37 -15.24
CA VAL B 61 -4.46 13.65 -16.50
C VAL B 61 -5.77 13.79 -17.28
N LEU B 62 -5.69 14.11 -18.57
CA LEU B 62 -6.88 14.28 -19.39
C LEU B 62 -7.13 13.14 -20.39
N SER B 63 -8.31 12.52 -20.31
CA SER B 63 -8.69 11.49 -21.26
C SER B 63 -9.94 11.97 -21.97
N VAL B 64 -9.75 12.63 -23.12
CA VAL B 64 -10.82 13.20 -23.92
C VAL B 64 -11.87 12.17 -24.30
N LEU B 65 -11.46 10.98 -24.80
CA LEU B 65 -12.41 9.93 -25.21
C LEU B 65 -13.14 9.29 -24.04
N GLU B 66 -12.47 9.21 -22.88
CA GLU B 66 -13.07 8.68 -21.66
C GLU B 66 -13.92 9.73 -20.89
N HIS B 67 -13.88 11.00 -21.32
CA HIS B 67 -14.59 12.14 -20.76
C HIS B 67 -14.27 12.36 -19.28
N ILE B 68 -13.04 12.06 -18.86
CA ILE B 68 -12.65 12.23 -17.47
C ILE B 68 -11.30 12.97 -17.34
N VAL B 69 -11.09 13.56 -16.17
CA VAL B 69 -9.89 14.24 -15.74
C VAL B 69 -9.56 13.62 -14.40
N TYR B 70 -8.38 13.01 -14.28
CA TYR B 70 -7.96 12.39 -13.03
C TYR B 70 -7.11 13.42 -12.31
N VAL B 71 -7.52 13.85 -11.13
CA VAL B 71 -6.82 14.91 -10.39
C VAL B 71 -6.12 14.45 -9.12
N VAL B 72 -4.79 14.61 -9.03
CA VAL B 72 -4.03 14.26 -7.84
C VAL B 72 -3.76 15.50 -7.02
N ASP B 73 -4.23 15.52 -5.78
CA ASP B 73 -4.06 16.68 -4.92
C ASP B 73 -2.77 16.56 -4.13
N ARG B 74 -2.57 15.38 -3.54
CA ARG B 74 -1.37 15.16 -2.71
C ARG B 74 -0.63 13.92 -3.17
N VAL B 75 0.58 13.71 -2.66
CA VAL B 75 1.40 12.53 -3.06
C VAL B 75 2.51 12.35 -2.02
N ASP B 76 2.79 11.11 -1.65
CA ASP B 76 3.90 10.83 -0.70
C ASP B 76 4.69 9.61 -1.17
N ILE B 77 5.85 9.81 -1.79
CA ILE B 77 6.71 8.64 -2.16
C ILE B 77 6.91 7.89 -0.84
N GLU B 78 7.20 8.62 0.23
CA GLU B 78 7.22 7.97 1.56
C GLU B 78 5.74 7.66 1.76
N GLU B 79 5.39 6.43 2.09
CA GLU B 79 3.96 6.07 2.07
C GLU B 79 3.65 5.98 0.58
N ASP B 80 2.40 5.75 0.18
CA ASP B 80 2.16 5.74 -1.29
C ASP B 80 0.78 6.36 -1.52
N ASN B 81 0.26 7.03 -0.50
CA ASN B 81 -1.07 7.66 -0.61
C ASN B 81 -1.02 8.64 -1.78
N ASP B 82 -1.92 8.47 -2.73
CA ASP B 82 -2.00 9.44 -3.85
C ASP B 82 -3.40 10.02 -3.78
N VAL B 83 -3.71 10.68 -2.66
CA VAL B 83 -5.04 11.32 -2.52
C VAL B 83 -5.40 11.89 -3.88
N ALA B 84 -6.36 11.28 -4.56
CA ALA B 84 -6.70 11.74 -5.93
C ALA B 84 -8.20 11.57 -6.18
N ARG B 85 -8.68 12.08 -7.31
CA ARG B 85 -10.13 12.05 -7.59
C ARG B 85 -10.33 11.80 -9.09
N ILE B 86 -11.58 11.68 -9.52
CA ILE B 86 -11.87 11.39 -10.91
C ILE B 86 -13.05 12.26 -11.29
N LEU B 87 -12.79 13.39 -11.95
CA LEU B 87 -13.84 14.34 -12.32
C LEU B 87 -14.22 14.16 -13.77
N SER B 88 -15.47 14.45 -14.11
CA SER B 88 -15.89 14.44 -15.51
C SER B 88 -15.40 15.74 -16.19
N LEU B 89 -15.49 15.83 -17.53
CA LEU B 89 -15.05 17.02 -18.24
C LEU B 89 -15.83 18.27 -17.83
N ALA B 90 -17.10 18.12 -17.43
CA ALA B 90 -17.93 19.24 -16.97
C ALA B 90 -17.54 19.67 -15.55
N GLN B 91 -17.22 18.70 -14.70
CA GLN B 91 -16.80 18.98 -13.31
C GLN B 91 -15.45 19.65 -13.29
N ALA B 92 -14.53 19.23 -14.18
CA ALA B 92 -13.20 19.83 -14.26
C ALA B 92 -13.30 21.28 -14.74
N LEU B 93 -14.16 21.56 -15.71
CA LEU B 93 -14.37 22.89 -16.24
C LEU B 93 -15.00 23.81 -15.18
N ASN B 94 -15.92 23.28 -14.38
CA ASN B 94 -16.64 24.07 -13.38
C ASN B 94 -16.05 24.06 -11.98
N GLU B 95 -14.88 23.43 -11.77
CA GLU B 95 -14.28 23.39 -10.44
C GLU B 95 -12.79 23.64 -10.50
N GLU B 96 -12.09 23.01 -11.43
CA GLU B 96 -10.66 23.18 -11.57
C GLU B 96 -10.37 23.79 -12.94
N LYS B 97 -11.05 24.91 -13.26
CA LYS B 97 -10.90 25.56 -14.56
C LYS B 97 -9.44 25.85 -14.95
N LYS B 98 -8.63 26.43 -14.05
CA LYS B 98 -7.23 26.75 -14.38
C LYS B 98 -6.45 25.54 -14.89
N ILE B 99 -6.58 24.39 -14.20
CA ILE B 99 -5.90 23.16 -14.58
C ILE B 99 -6.52 22.58 -15.86
N TYR B 100 -7.84 22.68 -16.02
CA TYR B 100 -8.51 22.16 -17.20
C TYR B 100 -8.06 22.92 -18.46
N ASP B 101 -7.88 24.24 -18.34
CA ASP B 101 -7.42 25.06 -19.45
C ASP B 101 -6.01 24.68 -19.89
N VAL B 102 -5.11 24.38 -18.92
CA VAL B 102 -3.73 23.97 -19.25
C VAL B 102 -3.77 22.60 -19.91
N LEU B 103 -4.53 21.65 -19.35
CA LEU B 103 -4.70 20.29 -19.87
C LEU B 103 -5.22 20.30 -21.30
N GLN B 104 -6.14 21.23 -21.61
CA GLN B 104 -6.72 21.33 -22.93
C GLN B 104 -5.78 22.08 -23.88
N LEU B 105 -4.99 23.05 -23.38
CA LEU B 105 -4.02 23.79 -24.21
C LEU B 105 -2.95 22.84 -24.70
N VAL B 106 -2.47 21.98 -23.80
CA VAL B 106 -1.42 21.03 -24.07
C VAL B 106 -1.95 19.94 -25.00
N GLU B 107 -3.16 19.44 -24.75
CA GLU B 107 -3.76 18.42 -25.60
C GLU B 107 -3.95 18.97 -27.03
N THR B 108 -4.32 20.25 -27.16
CA THR B 108 -4.48 20.90 -28.46
C THR B 108 -3.12 21.02 -29.16
N HIS B 109 -2.07 21.35 -28.41
CA HIS B 109 -0.73 21.47 -28.99
C HIS B 109 -0.26 20.11 -29.52
N ASP B 110 -0.28 19.08 -28.66
CA ASP B 110 0.16 17.72 -28.97
C ASP B 110 -0.56 17.10 -30.16
N THR B 111 -1.90 17.17 -30.19
CA THR B 111 -2.65 16.62 -31.33
C THR B 111 -2.38 17.38 -32.61
N HIS B 112 -2.14 18.70 -32.53
CA HIS B 112 -1.84 19.49 -33.70
C HIS B 112 -0.46 19.10 -34.28
N MET B 113 0.51 18.82 -33.41
CA MET B 113 1.84 18.41 -33.84
C MET B 113 1.78 17.06 -34.54
N LEU B 114 1.03 16.11 -33.98
CA LEU B 114 0.88 14.77 -34.53
C LEU B 114 0.06 14.79 -35.85
N LYS B 115 -0.99 15.62 -35.92
CA LYS B 115 -1.75 15.75 -37.17
C LYS B 115 -0.90 16.38 -38.30
N GLN B 116 0.30 16.94 -37.97
CA GLN B 116 1.23 17.58 -38.91
C GLN B 116 2.49 16.73 -39.18
N ARG B 117 2.59 15.53 -38.57
CA ARG B 117 3.73 14.61 -38.68
C ARG B 117 4.97 15.09 -37.91
N ARG B 118 4.86 16.21 -37.16
CA ARG B 118 5.95 16.74 -36.33
C ARG B 118 5.95 16.08 -34.95
N SER B 119 7.10 16.08 -34.26
CA SER B 119 7.20 15.50 -32.91
C SER B 119 6.52 16.40 -31.89
N PRO B 120 5.56 15.88 -31.14
CA PRO B 120 4.83 16.71 -30.17
C PRO B 120 5.63 17.24 -28.98
N GLY B 121 6.75 16.61 -28.70
CA GLY B 121 7.62 17.00 -27.59
C GLY B 121 8.95 16.28 -27.65
N ILE B 122 9.64 16.19 -26.50
CA ILE B 122 10.92 15.47 -26.39
C ILE B 122 10.58 13.99 -26.37
N MET B 123 10.89 13.31 -27.47
CA MET B 123 10.53 11.91 -27.64
C MET B 123 11.34 10.89 -26.87
N SER B 124 10.67 9.81 -26.45
CA SER B 124 11.33 8.70 -25.77
C SER B 124 12.18 7.92 -26.79
N VAL B 125 13.29 7.33 -26.34
CA VAL B 125 14.17 6.59 -27.24
C VAL B 125 13.48 5.32 -27.81
N TYR B 126 12.60 4.71 -27.01
CA TYR B 126 11.89 3.51 -27.41
C TYR B 126 10.39 3.65 -27.20
N CYS B 127 9.66 3.85 -28.30
CA CYS B 127 8.19 3.94 -28.19
C CYS B 127 7.62 2.69 -28.88
N PRO B 128 7.09 1.72 -28.13
CA PRO B 128 6.55 0.52 -28.72
C PRO B 128 5.41 0.94 -29.66
N PRO B 129 4.92 0.04 -30.53
CA PRO B 129 3.83 0.38 -31.45
C PRO B 129 2.49 0.37 -30.71
N GLN B 130 2.10 1.52 -30.16
CA GLN B 130 0.78 1.62 -29.50
C GLN B 130 -0.22 0.76 -30.25
N ALA B 132 -5.35 0.91 -28.11
CA ALA B 132 -4.19 1.37 -28.90
C ALA B 132 -4.41 2.83 -29.27
N PHE B 133 -5.67 3.26 -29.18
CA PHE B 133 -6.01 4.65 -29.51
C PHE B 133 -6.59 5.32 -28.26
N GLN B 134 -7.15 4.52 -27.36
CA GLN B 134 -7.77 5.07 -26.13
C GLN B 134 -7.49 4.10 -24.98
N CYS B 135 -7.67 4.56 -23.75
CA CYS B 135 -7.30 3.71 -22.60
C CYS B 135 -8.47 3.55 -21.64
N ASN B 136 -9.37 2.61 -21.90
CA ASN B 136 -10.43 2.31 -20.89
C ASN B 136 -9.67 1.78 -19.69
N GLY B 137 -8.40 1.40 -19.91
CA GLY B 137 -7.54 0.97 -18.80
C GLY B 137 -7.99 1.87 -17.68
N ASP B 138 -8.57 1.27 -16.65
CA ASP B 138 -9.14 2.08 -15.55
C ASP B 138 -7.95 2.78 -14.87
N PRO B 139 -6.77 2.15 -14.70
CA PRO B 139 -5.69 2.77 -13.92
C PRO B 139 -4.99 4.00 -14.51
N PHE B 140 -4.74 5.00 -13.67
CA PHE B 140 -3.97 6.16 -14.13
C PHE B 140 -2.52 6.15 -13.68
N VAL B 141 -1.61 6.46 -14.61
CA VAL B 141 -0.19 6.54 -14.31
C VAL B 141 0.19 7.98 -14.55
N PHE B 142 0.73 8.65 -13.54
CA PHE B 142 1.17 10.05 -13.67
C PHE B 142 2.62 10.22 -13.16
N VAL B 143 3.15 11.45 -13.16
CA VAL B 143 4.50 11.71 -12.67
C VAL B 143 4.48 12.22 -11.23
N ARG B 144 5.10 11.49 -10.30
CA ARG B 144 5.18 11.87 -8.89
C ARG B 144 6.23 12.94 -8.67
N TRP B 145 7.42 12.77 -9.25
CA TRP B 145 8.49 13.74 -9.13
C TRP B 145 9.30 13.84 -10.41
N TYR B 146 9.98 14.95 -10.57
CA TYR B 146 10.79 15.29 -11.72
C TYR B 146 12.16 15.80 -11.21
N ARG B 147 13.17 15.70 -12.04
CA ARG B 147 14.48 16.29 -11.78
C ARG B 147 15.10 16.57 -13.12
N PHE B 148 15.46 17.82 -13.36
CA PHE B 148 15.95 18.18 -14.71
C PHE B 148 17.25 18.97 -14.60
N HIS B 149 17.76 19.44 -15.73
CA HIS B 149 19.00 20.27 -15.74
C HIS B 149 20.15 19.44 -15.18
N MET B 150 19.86 18.24 -14.70
CA MET B 150 20.91 17.41 -14.08
C MET B 150 22.12 17.35 -15.02
N GLU B 151 23.31 17.10 -14.46
CA GLU B 151 24.55 17.14 -15.27
C GLU B 151 24.68 15.88 -16.12
N ASN B 152 24.92 16.03 -17.42
CA ASN B 152 25.01 14.91 -18.37
C ASN B 152 23.75 14.90 -19.25
N SER B 153 23.05 16.03 -19.30
CA SER B 153 21.83 16.15 -20.12
C SER B 153 20.79 15.13 -19.61
N MET B 154 20.76 14.92 -18.31
CA MET B 154 19.86 13.88 -17.73
C MET B 154 18.54 14.51 -17.31
N SER B 155 17.43 13.83 -17.56
CA SER B 155 16.10 14.30 -17.11
C SER B 155 15.40 13.09 -16.49
N GLY B 156 15.26 13.07 -15.17
CA GLY B 156 14.70 11.93 -14.45
C GLY B 156 13.27 12.15 -13.98
N PHE B 157 12.47 11.09 -14.03
CA PHE B 157 11.07 11.15 -13.61
C PHE B 157 10.79 9.94 -12.74
N MET B 158 9.94 10.09 -11.72
CA MET B 158 9.48 8.95 -10.95
C MET B 158 8.00 8.88 -11.18
N LEU B 159 7.53 7.78 -11.73
CA LEU B 159 6.13 7.60 -12.03
C LEU B 159 5.37 7.10 -10.83
N SER B 160 4.06 7.35 -10.82
CA SER B 160 3.15 6.95 -9.75
C SER B 160 3.14 5.45 -9.47
N ASN B 161 3.51 4.63 -10.46
CA ASN B 161 3.58 3.18 -10.25
C ASN B 161 4.92 2.70 -9.66
N GLY B 162 5.76 3.63 -9.19
CA GLY B 162 7.07 3.31 -8.62
C GLY B 162 8.21 3.26 -9.61
N ALA B 163 7.90 3.24 -10.92
CA ALA B 163 8.93 3.16 -11.95
C ALA B 163 9.73 4.44 -12.05
N VAL B 164 11.03 4.35 -12.36
CA VAL B 164 11.87 5.52 -12.54
C VAL B 164 12.35 5.53 -13.99
N GLN B 165 12.27 6.67 -14.67
CA GLN B 165 12.67 6.77 -16.06
C GLN B 165 13.56 7.96 -16.25
N VAL B 166 14.82 7.73 -16.63
CA VAL B 166 15.79 8.79 -16.81
C VAL B 166 16.15 8.97 -18.27
N PHE B 167 16.06 10.19 -18.79
CA PHE B 167 16.36 10.47 -20.18
C PHE B 167 17.76 11.05 -20.24
N VAL B 168 18.73 10.28 -20.72
CA VAL B 168 20.14 10.76 -20.75
C VAL B 168 20.45 11.40 -22.10
N GLY B 169 19.99 12.63 -22.33
CA GLY B 169 20.34 13.38 -23.54
C GLY B 169 20.06 12.70 -24.86
N GLY B 170 18.90 12.07 -25.03
CA GLY B 170 18.59 11.51 -26.34
C GLY B 170 19.32 10.23 -26.69
N LYS B 171 20.54 10.03 -26.18
CA LYS B 171 21.38 8.87 -26.45
C LYS B 171 20.76 7.52 -25.99
N TYR B 172 20.18 7.52 -24.78
CA TYR B 172 19.54 6.31 -24.25
C TYR B 172 18.68 6.68 -23.02
N GLU B 173 18.10 5.66 -22.36
CA GLU B 173 17.29 5.85 -21.17
C GLU B 173 17.65 4.86 -20.07
N LEU B 174 17.30 5.20 -18.83
CA LEU B 174 17.45 4.31 -17.70
C LEU B 174 16.04 4.05 -17.19
N ARG B 175 15.64 2.79 -17.08
CA ARG B 175 14.32 2.46 -16.61
C ARG B 175 14.45 1.37 -15.55
N TRP B 176 13.63 1.44 -14.50
CA TRP B 176 13.63 0.42 -13.47
C TRP B 176 12.42 0.49 -12.58
N LEU B 177 12.10 -0.60 -11.87
CA LEU B 177 11.01 -0.58 -10.86
C LEU B 177 11.64 -0.93 -9.50
N ASP B 178 12.53 -1.91 -9.48
CA ASP B 178 13.27 -2.25 -8.28
C ASP B 178 14.59 -1.52 -8.32
N ASP B 179 14.83 -0.70 -7.29
CA ASP B 179 16.01 0.15 -7.17
C ASP B 179 17.35 -0.57 -7.36
N ASN B 180 17.45 -1.83 -6.93
CA ASN B 180 18.70 -2.58 -7.05
C ASN B 180 18.79 -3.46 -8.31
N ARG B 181 18.15 -3.01 -9.38
CA ARG B 181 18.15 -3.66 -10.69
C ARG B 181 17.68 -2.63 -11.74
N LYS B 182 18.60 -1.71 -12.07
CA LYS B 182 18.39 -0.62 -13.00
C LYS B 182 18.81 -1.06 -14.41
N PHE B 183 18.08 -0.62 -15.43
CA PHE B 183 18.36 -1.01 -16.81
C PHE B 183 18.66 0.15 -17.73
N ILE B 184 19.18 -0.16 -18.93
CA ILE B 184 19.46 0.78 -19.99
C ILE B 184 18.62 0.37 -21.18
N VAL B 185 17.70 1.25 -21.61
CA VAL B 185 16.88 0.95 -22.78
C VAL B 185 17.36 1.78 -23.97
N ARG B 186 17.69 1.10 -25.06
CA ARG B 186 18.18 1.76 -26.28
C ARG B 186 17.09 1.86 -27.33
N SER B 187 17.28 2.76 -28.32
CA SER B 187 16.31 3.07 -29.39
C SER B 187 15.76 1.85 -30.13
N ASN B 188 16.61 0.82 -30.29
CA ASN B 188 16.25 -0.43 -30.98
C ASN B 188 15.55 -1.47 -30.08
N GLY B 189 15.22 -1.11 -28.85
CA GLY B 189 14.60 -2.03 -27.91
C GLY B 189 15.57 -2.90 -27.11
N VAL B 190 16.87 -2.63 -27.22
CA VAL B 190 17.87 -3.38 -26.51
C VAL B 190 17.87 -2.96 -25.06
N CYS B 191 17.71 -3.95 -24.15
CA CYS B 191 17.72 -3.76 -22.70
C CYS B 191 18.98 -4.35 -22.15
N GLU B 192 19.62 -3.65 -21.22
CA GLU B 192 20.79 -4.16 -20.56
C GLU B 192 20.85 -3.75 -19.12
N VAL B 193 21.38 -4.61 -18.27
CA VAL B 193 21.49 -4.33 -16.85
C VAL B 193 22.60 -3.32 -16.60
N LEU B 194 22.28 -2.24 -15.88
CA LEU B 194 23.28 -1.19 -15.58
C LEU B 194 24.22 -1.66 -14.47
N ASP B 195 25.54 -1.58 -14.67
CA ASP B 195 26.53 -1.95 -13.62
C ASP B 195 26.85 -0.70 -12.82
N GLU B 196 26.29 -0.58 -11.62
CA GLU B 196 26.48 0.66 -10.83
C GLU B 196 27.94 0.87 -10.49
N GLU B 197 28.72 -0.20 -10.31
CA GLU B 197 30.13 -0.04 -9.88
C GLU B 197 30.91 0.80 -10.91
N LYS B 198 30.82 0.44 -12.19
CA LYS B 198 31.50 1.24 -13.26
C LYS B 198 30.49 2.24 -13.84
N PHE B 199 29.39 2.47 -13.14
CA PHE B 199 28.35 3.42 -13.62
C PHE B 199 28.94 4.82 -13.60
N PRO B 200 29.30 5.41 -14.76
CA PRO B 200 29.94 6.73 -14.79
C PRO B 200 28.98 7.78 -14.23
N LEU B 201 27.71 7.74 -14.64
CA LEU B 201 26.71 8.74 -14.20
C LEU B 201 25.99 8.24 -12.94
N SER B 202 26.64 7.40 -12.14
CA SER B 202 26.09 6.89 -10.88
C SER B 202 26.02 7.98 -9.81
N GLU B 203 27.09 8.78 -9.63
CA GLU B 203 27.08 9.87 -8.65
C GLU B 203 26.05 10.93 -9.04
N GLU B 204 25.92 11.22 -10.34
CA GLU B 204 24.97 12.26 -10.81
C GLU B 204 23.54 11.72 -10.76
N LEU B 205 23.37 10.40 -10.83
CA LEU B 205 22.05 9.81 -10.69
C LEU B 205 21.64 9.77 -9.21
N ASN B 206 22.59 9.45 -8.32
CA ASN B 206 22.30 9.38 -6.89
C ASN B 206 21.97 10.72 -6.28
N GLN B 207 22.49 11.82 -6.84
CA GLN B 207 22.17 13.18 -6.39
C GLN B 207 20.71 13.52 -6.77
N MET B 208 20.26 13.03 -7.95
CA MET B 208 18.93 13.25 -8.48
C MET B 208 17.88 12.51 -7.66
N LEU B 209 18.13 11.21 -7.38
CA LEU B 209 17.20 10.41 -6.59
C LEU B 209 17.09 10.82 -5.14
N TYR B 210 18.23 11.03 -4.44
CA TYR B 210 18.27 11.39 -3.03
C TYR B 210 18.87 12.80 -2.87
N VAL C 3 -1.06 -51.90 29.16
CA VAL C 3 0.24 -52.47 28.83
C VAL C 3 1.02 -51.53 27.91
N PRO C 4 2.32 -51.28 28.19
CA PRO C 4 3.10 -50.35 27.34
C PRO C 4 3.38 -50.90 25.93
N PRO C 5 3.88 -50.07 25.00
CA PRO C 5 4.14 -50.55 23.64
C PRO C 5 5.11 -51.73 23.54
N THR C 6 4.71 -52.78 22.80
CA THR C 6 5.53 -53.97 22.59
C THR C 6 6.71 -53.66 21.65
N PRO C 7 7.84 -54.40 21.68
CA PRO C 7 8.94 -54.09 20.76
C PRO C 7 8.54 -54.02 19.28
N GLU C 8 7.57 -54.83 18.85
CA GLU C 8 7.09 -54.79 17.47
C GLU C 8 6.29 -53.52 17.22
N GLU C 9 5.50 -53.09 18.21
CA GLU C 9 4.74 -51.85 18.14
C GLU C 9 5.69 -50.68 18.07
N ARG C 10 6.72 -50.67 18.91
CA ARG C 10 7.60 -49.48 18.95
C ARG C 10 8.33 -49.35 17.61
N HIS C 11 8.65 -50.47 16.97
CA HIS C 11 9.42 -50.44 15.69
C HIS C 11 8.50 -49.96 14.57
N MET C 12 7.26 -50.44 14.57
CA MET C 12 6.29 -49.97 13.54
C MET C 12 6.15 -48.46 13.67
N LEU C 13 6.05 -47.97 14.89
CA LEU C 13 5.82 -46.52 15.12
C LEU C 13 7.01 -45.71 14.63
N LEU C 14 8.23 -46.15 14.95
CA LEU C 14 9.41 -45.30 14.64
C LEU C 14 10.00 -45.60 13.26
N ASN C 15 9.63 -46.71 12.64
CA ASN C 15 10.29 -47.06 11.35
C ASN C 15 9.29 -47.42 10.25
N GLY C 16 8.00 -47.48 10.56
CA GLY C 16 6.96 -47.81 9.56
C GLY C 16 6.87 -46.76 8.47
N ASP C 17 5.83 -46.82 7.63
CA ASP C 17 5.65 -45.79 6.60
C ASP C 17 4.79 -44.67 7.18
N TRP C 18 5.43 -43.58 7.62
CA TRP C 18 4.76 -42.43 8.21
C TRP C 18 5.13 -41.14 7.49
N ILE C 19 4.30 -40.10 7.61
CA ILE C 19 4.58 -38.79 7.02
C ILE C 19 5.76 -38.14 7.74
N ARG C 20 6.81 -37.85 6.97
CA ARG C 20 8.01 -37.21 7.53
C ARG C 20 7.81 -35.71 7.49
N TYR C 21 7.25 -35.20 6.40
CA TYR C 21 6.95 -33.75 6.33
C TYR C 21 5.75 -33.53 5.42
N TYR C 22 4.95 -32.50 5.72
CA TYR C 22 3.82 -32.17 4.87
C TYR C 22 3.65 -30.66 4.75
N HIS C 23 3.10 -30.21 3.65
CA HIS C 23 2.77 -28.80 3.45
C HIS C 23 1.56 -28.71 2.50
N PHE C 24 1.20 -27.52 1.96
CA PHE C 24 0.02 -27.42 1.10
C PHE C 24 0.30 -26.92 -0.29
N TYR C 25 -0.65 -27.11 -1.21
CA TYR C 25 -0.61 -26.62 -2.58
C TYR C 25 -1.82 -25.69 -2.70
N PRO C 26 -1.71 -24.46 -3.25
CA PRO C 26 -0.52 -23.74 -3.75
C PRO C 26 0.43 -23.30 -2.63
N MET C 27 1.64 -22.87 -3.02
CA MET C 27 2.68 -22.50 -2.07
C MET C 27 3.18 -21.06 -2.25
N GLY C 31 -1.83 -17.31 -6.34
CA GLY C 31 -1.72 -18.45 -5.43
C GLY C 31 -3.03 -18.83 -4.79
N GLY C 32 -3.40 -18.11 -3.71
CA GLY C 32 -4.69 -18.30 -3.05
C GLY C 32 -4.79 -19.44 -2.07
N ASP C 33 -6.00 -19.71 -1.59
CA ASP C 33 -6.23 -20.74 -0.57
C ASP C 33 -5.94 -22.15 -1.05
N SER C 34 -5.61 -23.01 -0.12
CA SER C 34 -5.19 -24.39 -0.40
C SER C 34 -6.24 -25.27 -1.05
N VAL C 35 -5.80 -26.11 -1.98
CA VAL C 35 -6.64 -27.08 -2.68
C VAL C 35 -6.12 -28.51 -2.55
N ALA C 36 -4.95 -28.72 -1.90
CA ALA C 36 -4.35 -30.02 -1.74
C ALA C 36 -3.35 -30.02 -0.60
N VAL C 37 -3.00 -31.22 -0.08
CA VAL C 37 -1.97 -31.36 0.92
C VAL C 37 -0.85 -32.20 0.31
N THR C 38 0.40 -31.75 0.42
CA THR C 38 1.57 -32.45 -0.12
C THR C 38 2.29 -33.13 1.03
N TYR C 39 2.94 -34.26 0.76
CA TYR C 39 3.59 -35.02 1.83
C TYR C 39 4.75 -35.92 1.35
N HIS C 40 5.56 -36.37 2.29
CA HIS C 40 6.66 -37.25 2.00
C HIS C 40 6.63 -38.41 2.98
N ILE C 41 6.30 -39.62 2.52
CA ILE C 41 6.22 -40.79 3.38
C ILE C 41 7.34 -41.77 3.09
N GLN C 42 7.54 -42.10 1.80
CA GLN C 42 8.53 -43.07 1.35
C GLN C 42 9.71 -42.41 0.63
N PRO C 43 10.88 -43.05 0.64
CA PRO C 43 12.05 -42.44 -0.02
C PRO C 43 11.84 -42.18 -1.50
N GLY C 44 12.24 -41.01 -1.98
CA GLY C 44 12.11 -40.63 -3.39
C GLY C 44 10.68 -40.40 -3.88
N ARG C 45 9.71 -40.54 -2.99
CA ARG C 45 8.31 -40.36 -3.35
C ARG C 45 7.68 -39.14 -2.68
N THR C 46 7.14 -38.23 -3.52
CA THR C 46 6.44 -37.03 -3.06
C THR C 46 5.01 -37.14 -3.51
N GLY C 47 4.07 -37.17 -2.57
CA GLY C 47 2.66 -37.29 -2.91
C GLY C 47 1.82 -36.04 -2.69
N VAL C 48 0.67 -35.97 -3.33
CA VAL C 48 -0.28 -34.87 -3.18
C VAL C 48 -1.71 -35.44 -3.09
N THR C 49 -2.56 -34.90 -2.21
CA THR C 49 -3.93 -35.38 -2.06
C THR C 49 -4.87 -34.21 -2.20
N PHE C 50 -5.77 -34.26 -3.16
CA PHE C 50 -6.64 -33.13 -3.46
C PHE C 50 -7.87 -33.03 -2.57
N PHE C 51 -8.10 -31.86 -1.98
CA PHE C 51 -9.24 -31.65 -1.04
C PHE C 51 -10.57 -31.66 -1.78
N ASN C 52 -10.61 -31.10 -2.99
CA ASN C 52 -11.86 -31.01 -3.79
C ASN C 52 -12.48 -32.38 -4.02
N HIS C 53 -13.76 -32.55 -3.67
CA HIS C 53 -14.39 -33.83 -3.92
C HIS C 53 -14.89 -33.99 -5.35
N SER C 54 -15.09 -32.88 -6.09
CA SER C 54 -15.59 -32.98 -7.46
C SER C 54 -14.51 -33.45 -8.45
N PHE C 55 -13.23 -33.23 -8.12
CA PHE C 55 -12.07 -33.56 -8.95
C PHE C 55 -11.91 -35.05 -9.15
N SER C 56 -11.59 -35.48 -10.39
CA SER C 56 -11.45 -36.90 -10.65
C SER C 56 -10.17 -37.56 -10.08
N VAL C 57 -9.09 -36.79 -9.73
CA VAL C 57 -7.94 -37.46 -9.12
C VAL C 57 -7.92 -37.20 -7.60
N HIS C 58 -8.00 -38.25 -6.81
CA HIS C 58 -7.96 -38.15 -5.37
C HIS C 58 -6.52 -37.89 -4.94
N SER C 59 -5.56 -38.70 -5.38
CA SER C 59 -4.16 -38.54 -5.00
C SER C 59 -3.23 -38.89 -6.15
N ALA C 60 -1.98 -38.42 -6.09
CA ALA C 60 -0.95 -38.78 -7.05
C ALA C 60 0.40 -38.78 -6.33
N VAL C 61 1.25 -39.79 -6.58
CA VAL C 61 2.57 -39.85 -5.97
C VAL C 61 3.64 -39.84 -7.07
N LEU C 62 4.68 -39.00 -6.92
CA LEU C 62 5.74 -38.90 -7.92
C LEU C 62 7.06 -39.55 -7.49
N SER C 63 7.54 -40.51 -8.28
CA SER C 63 8.83 -41.13 -8.00
C SER C 63 9.73 -40.86 -9.21
N VAL C 64 10.49 -39.78 -9.11
CA VAL C 64 11.39 -39.34 -10.18
C VAL C 64 12.39 -40.42 -10.60
N LEU C 65 13.04 -41.10 -9.62
CA LEU C 65 14.03 -42.16 -9.87
C LEU C 65 13.42 -43.41 -10.50
N GLU C 66 12.17 -43.72 -10.10
CA GLU C 66 11.41 -44.85 -10.61
C GLU C 66 10.68 -44.54 -11.93
N HIS C 67 10.71 -43.27 -12.38
CA HIS C 67 10.08 -42.76 -13.60
C HIS C 67 8.59 -43.06 -13.69
N ILE C 68 7.92 -43.04 -12.54
CA ILE C 68 6.48 -43.33 -12.49
C ILE C 68 5.71 -42.31 -11.64
N VAL C 69 4.42 -42.22 -11.90
CA VAL C 69 3.46 -41.44 -11.18
C VAL C 69 2.34 -42.40 -10.84
N TYR C 70 2.06 -42.61 -9.54
CA TYR C 70 0.99 -43.50 -9.12
C TYR C 70 -0.26 -42.62 -8.94
N VAL C 71 -1.32 -42.90 -9.70
CA VAL C 71 -2.52 -42.06 -9.67
C VAL C 71 -3.76 -42.75 -9.07
N VAL C 72 -4.34 -42.19 -8.01
CA VAL C 72 -5.56 -42.73 -7.40
C VAL C 72 -6.73 -41.87 -7.83
N ASP C 73 -7.71 -42.49 -8.49
CA ASP C 73 -8.90 -41.78 -8.95
C ASP C 73 -10.00 -41.71 -7.87
N ARG C 74 -11.10 -40.98 -8.16
CA ARG C 74 -12.16 -40.76 -7.19
C ARG C 74 -13.51 -40.75 -7.89
N ASP C 80 -14.13 -45.81 -2.12
CA ASP C 80 -14.88 -46.98 -1.64
C ASP C 80 -14.25 -48.29 -2.14
N ASN C 81 -13.97 -48.37 -3.47
CA ASN C 81 -13.33 -49.51 -4.14
C ASN C 81 -11.78 -49.19 -4.32
N ASP C 82 -11.08 -49.85 -5.27
CA ASP C 82 -9.65 -49.58 -5.52
C ASP C 82 -9.45 -49.18 -6.99
N VAL C 83 -9.39 -47.85 -7.23
CA VAL C 83 -9.19 -47.37 -8.58
C VAL C 83 -7.87 -46.60 -8.65
N ALA C 84 -6.76 -47.32 -8.92
CA ALA C 84 -5.43 -46.72 -9.09
C ALA C 84 -4.76 -47.12 -10.40
N ARG C 85 -3.89 -46.24 -10.90
CA ARG C 85 -3.12 -46.42 -12.12
C ARG C 85 -1.64 -46.17 -11.85
N ILE C 86 -0.75 -46.74 -12.63
CA ILE C 86 0.68 -46.49 -12.51
C ILE C 86 1.13 -45.98 -13.86
N LEU C 87 1.28 -44.67 -14.01
CA LEU C 87 1.65 -44.07 -15.29
C LEU C 87 3.12 -43.75 -15.33
N SER C 88 3.71 -43.79 -16.52
CA SER C 88 5.10 -43.37 -16.66
C SER C 88 5.17 -41.83 -16.70
N LEU C 89 6.37 -41.24 -16.59
CA LEU C 89 6.52 -39.79 -16.64
C LEU C 89 5.99 -39.18 -17.96
N ALA C 90 6.05 -39.91 -19.08
CA ALA C 90 5.52 -39.42 -20.35
C ALA C 90 4.00 -39.52 -20.42
N GLN C 91 3.45 -40.59 -19.85
CA GLN C 91 2.01 -40.81 -19.82
C GLN C 91 1.35 -39.78 -18.90
N ALA C 92 1.99 -39.44 -17.78
CA ALA C 92 1.47 -38.46 -16.82
C ALA C 92 1.44 -37.07 -17.46
N LEU C 93 2.49 -36.73 -18.21
CA LEU C 93 2.58 -35.45 -18.86
C LEU C 93 1.52 -35.32 -19.99
N ASN C 94 1.26 -36.43 -20.70
CA ASN C 94 0.32 -36.44 -21.83
C ASN C 94 -1.11 -36.84 -21.50
N GLU C 95 -1.45 -37.06 -20.22
CA GLU C 95 -2.80 -37.46 -19.86
C GLU C 95 -3.27 -36.72 -18.64
N GLU C 96 -2.43 -36.61 -17.61
CA GLU C 96 -2.79 -35.92 -16.39
C GLU C 96 -1.86 -34.72 -16.18
N LYS C 97 -1.72 -33.88 -17.22
CA LYS C 97 -0.80 -32.75 -17.17
C LYS C 97 -0.98 -31.86 -15.94
N LYS C 98 -2.23 -31.44 -15.61
CA LYS C 98 -2.45 -30.57 -14.45
C LYS C 98 -1.86 -31.13 -13.17
N ILE C 99 -2.08 -32.42 -12.91
CA ILE C 99 -1.56 -33.04 -11.70
C ILE C 99 -0.06 -33.26 -11.78
N TYR C 100 0.48 -33.56 -12.96
CA TYR C 100 1.91 -33.74 -13.14
C TYR C 100 2.67 -32.43 -12.88
N ASP C 101 2.08 -31.30 -13.30
CA ASP C 101 2.68 -29.99 -13.09
C ASP C 101 2.77 -29.65 -11.61
N VAL C 102 1.70 -29.98 -10.82
CA VAL C 102 1.64 -29.75 -9.38
C VAL C 102 2.67 -30.63 -8.70
N LEU C 103 2.70 -31.92 -9.05
CA LEU C 103 3.64 -32.90 -8.51
C LEU C 103 5.09 -32.49 -8.71
N GLN C 104 5.38 -31.90 -9.86
CA GLN C 104 6.72 -31.46 -10.19
C GLN C 104 7.05 -30.10 -9.54
N LEU C 105 6.04 -29.23 -9.35
CA LEU C 105 6.20 -27.93 -8.67
C LEU C 105 6.57 -28.19 -7.21
N VAL C 106 5.86 -29.11 -6.58
CA VAL C 106 6.06 -29.46 -5.19
C VAL C 106 7.41 -30.15 -5.01
N GLU C 107 7.76 -31.08 -5.90
CA GLU C 107 9.05 -31.77 -5.83
C GLU C 107 10.20 -30.75 -5.98
N THR C 108 10.02 -29.74 -6.85
CA THR C 108 11.02 -28.70 -7.04
C THR C 108 11.12 -27.82 -5.80
N HIS C 109 9.99 -27.53 -5.14
CA HIS C 109 9.99 -26.71 -3.93
C HIS C 109 10.73 -27.45 -2.81
N ASP C 110 10.33 -28.70 -2.52
CA ASP C 110 10.92 -29.53 -1.47
C ASP C 110 12.43 -29.74 -1.62
N THR C 111 12.90 -30.11 -2.81
CA THR C 111 14.34 -30.30 -3.02
C THR C 111 15.10 -28.99 -2.91
N HIS C 112 14.49 -27.86 -3.30
CA HIS C 112 15.13 -26.55 -3.19
C HIS C 112 15.30 -26.15 -1.72
N MET C 113 14.28 -26.47 -0.88
CA MET C 113 14.34 -26.16 0.55
C MET C 113 15.43 -26.97 1.23
N LEU C 114 15.55 -28.26 0.88
CA LEU C 114 16.54 -29.15 1.47
C LEU C 114 17.96 -28.80 0.99
N LYS C 115 18.11 -28.42 -0.29
CA LYS C 115 19.42 -27.98 -0.79
C LYS C 115 19.87 -26.64 -0.14
N GLN C 116 18.96 -25.95 0.59
CA GLN C 116 19.20 -24.68 1.29
C GLN C 116 19.27 -24.82 2.82
N ARG C 117 19.13 -26.06 3.35
CA ARG C 117 19.14 -26.36 4.80
C ARG C 117 17.86 -25.90 5.53
N ARG C 118 16.86 -25.42 4.77
CA ARG C 118 15.59 -24.98 5.34
C ARG C 118 14.63 -26.20 5.39
N SER C 119 13.59 -26.09 6.20
CA SER C 119 12.61 -27.20 6.32
C SER C 119 11.74 -27.22 5.06
N PRO C 120 11.62 -28.37 4.37
CA PRO C 120 10.72 -28.46 3.22
C PRO C 120 9.30 -28.04 3.61
N GLY C 121 8.84 -28.43 4.80
CA GLY C 121 7.50 -28.05 5.28
C GLY C 121 7.28 -28.47 6.72
N ILE C 122 6.03 -28.50 7.19
CA ILE C 122 5.71 -28.90 8.60
C ILE C 122 6.36 -30.25 8.84
N MET C 123 7.17 -30.37 9.90
CA MET C 123 7.96 -31.61 10.06
C MET C 123 7.43 -32.49 11.18
N SER C 124 7.63 -33.80 11.04
CA SER C 124 7.16 -34.77 12.07
C SER C 124 7.94 -34.57 13.36
N VAL C 125 7.36 -34.98 14.47
CA VAL C 125 8.05 -34.89 15.78
C VAL C 125 9.18 -35.91 15.77
N TYR C 126 9.02 -36.98 14.98
CA TYR C 126 10.05 -38.05 14.99
C TYR C 126 10.39 -38.48 13.56
N CYS C 127 11.59 -38.12 13.10
CA CYS C 127 12.11 -38.48 11.79
C CYS C 127 13.32 -39.38 11.95
N PRO C 128 13.19 -40.70 11.71
CA PRO C 128 14.33 -41.60 11.76
C PRO C 128 15.22 -41.42 10.52
N PRO C 129 16.56 -41.52 10.63
CA PRO C 129 17.44 -41.27 9.47
C PRO C 129 17.06 -42.08 8.24
N ALA C 132 17.84 -44.36 3.39
CA ALA C 132 17.72 -44.71 1.96
C ALA C 132 17.18 -43.51 1.19
N PHE C 133 17.35 -43.52 -0.13
CA PHE C 133 16.79 -42.42 -0.98
C PHE C 133 16.17 -43.07 -2.21
N GLN C 134 15.86 -44.36 -2.08
CA GLN C 134 15.22 -45.09 -3.19
C GLN C 134 14.24 -46.10 -2.59
N CYS C 135 13.26 -46.54 -3.36
CA CYS C 135 12.27 -47.51 -2.87
C CYS C 135 11.87 -48.37 -4.07
N ASN C 136 12.68 -48.32 -5.11
CA ASN C 136 12.35 -49.06 -6.35
C ASN C 136 11.67 -50.38 -6.01
N GLY C 137 10.37 -50.47 -6.24
CA GLY C 137 9.66 -51.75 -6.03
C GLY C 137 8.65 -51.70 -4.90
N ASP C 138 9.04 -51.18 -3.74
CA ASP C 138 8.14 -51.25 -2.56
C ASP C 138 6.78 -50.67 -2.96
N PRO C 139 5.65 -51.15 -2.40
CA PRO C 139 4.33 -50.68 -2.81
C PRO C 139 4.13 -49.18 -2.55
N PHE C 140 2.97 -48.64 -2.86
CA PHE C 140 2.75 -47.16 -2.72
C PHE C 140 1.85 -46.82 -1.54
N VAL C 141 2.26 -45.84 -0.73
CA VAL C 141 1.45 -45.40 0.42
C VAL C 141 1.10 -43.93 0.21
N PHE C 142 -0.19 -43.59 0.22
CA PHE C 142 -0.63 -42.22 0.01
C PHE C 142 -1.61 -41.81 1.13
N VAL C 143 -2.16 -40.59 1.08
CA VAL C 143 -3.10 -40.14 2.09
C VAL C 143 -4.53 -40.29 1.60
N ARG C 144 -5.36 -41.09 2.29
CA ARG C 144 -6.76 -41.33 1.95
C ARG C 144 -7.63 -40.15 2.37
N TRP C 145 -7.41 -39.63 3.58
CA TRP C 145 -8.17 -38.47 4.06
C TRP C 145 -7.31 -37.58 4.93
N TYR C 146 -7.62 -36.29 4.90
CA TYR C 146 -6.91 -35.31 5.75
C TYR C 146 -7.98 -34.53 6.50
N ARG C 147 -7.72 -34.25 7.76
CA ARG C 147 -8.69 -33.47 8.55
C ARG C 147 -7.92 -32.50 9.44
N PHE C 148 -8.44 -31.29 9.60
CA PHE C 148 -7.81 -30.32 10.52
C PHE C 148 -8.85 -29.88 11.54
N HIS C 149 -8.39 -29.35 12.66
CA HIS C 149 -9.26 -28.88 13.71
C HIS C 149 -8.48 -27.75 14.29
N MET C 150 -8.83 -26.53 13.87
CA MET C 150 -8.07 -25.34 14.25
C MET C 150 -8.04 -25.07 15.74
N GLU C 151 -9.16 -25.30 16.47
CA GLU C 151 -9.19 -25.00 17.90
C GLU C 151 -8.11 -25.70 18.72
N ASN C 152 -7.60 -26.89 18.33
CA ASN C 152 -6.53 -27.54 19.08
C ASN C 152 -5.31 -27.92 18.23
N SER C 153 -5.14 -27.21 17.11
CA SER C 153 -4.11 -27.37 16.10
C SER C 153 -3.80 -28.82 15.74
N MET C 154 -4.83 -29.66 15.57
CA MET C 154 -4.65 -31.03 15.17
C MET C 154 -4.74 -31.16 13.67
N SER C 155 -3.87 -31.96 13.08
CA SER C 155 -3.83 -32.25 11.66
C SER C 155 -3.79 -33.74 11.53
N GLY C 156 -4.94 -34.37 11.33
CA GLY C 156 -5.01 -35.81 11.22
C GLY C 156 -5.00 -36.30 9.80
N PHE C 157 -4.34 -37.41 9.57
CA PHE C 157 -4.23 -38.02 8.25
C PHE C 157 -4.54 -39.49 8.36
N MET C 158 -5.21 -40.05 7.37
CA MET C 158 -5.38 -41.49 7.33
C MET C 158 -4.68 -41.96 6.12
N LEU C 159 -3.70 -42.83 6.29
CA LEU C 159 -2.92 -43.33 5.20
C LEU C 159 -3.61 -44.50 4.52
N SER C 160 -3.28 -44.73 3.26
CA SER C 160 -3.83 -45.81 2.44
C SER C 160 -3.60 -47.20 3.02
N ASN C 161 -2.58 -47.37 3.86
CA ASN C 161 -2.34 -48.67 4.51
C ASN C 161 -3.14 -48.87 5.81
N GLY C 162 -4.09 -47.98 6.10
CA GLY C 162 -4.90 -48.06 7.31
C GLY C 162 -4.34 -47.32 8.51
N ALA C 163 -3.09 -46.89 8.44
CA ALA C 163 -2.47 -46.18 9.57
C ALA C 163 -3.05 -44.79 9.73
N VAL C 164 -3.19 -44.31 10.98
CA VAL C 164 -3.67 -42.95 11.23
C VAL C 164 -2.55 -42.17 11.91
N GLN C 165 -2.29 -40.94 11.45
CA GLN C 165 -1.24 -40.13 12.02
C GLN C 165 -1.76 -38.74 12.32
N VAL C 166 -1.81 -38.36 13.60
CA VAL C 166 -2.34 -37.06 14.00
C VAL C 166 -1.24 -36.15 14.52
N PHE C 167 -1.15 -34.94 14.00
CA PHE C 167 -0.12 -33.98 14.46
C PHE C 167 -0.78 -32.96 15.40
N VAL C 168 -0.40 -32.97 16.68
CA VAL C 168 -1.02 -32.04 17.67
C VAL C 168 -0.06 -30.89 17.97
N GLY C 169 -0.09 -29.84 17.17
CA GLY C 169 0.71 -28.62 17.45
C GLY C 169 2.19 -28.83 17.57
N GLY C 170 2.74 -29.86 16.93
CA GLY C 170 4.20 -30.07 16.95
C GLY C 170 4.66 -30.48 18.33
N LYS C 171 3.75 -30.46 19.30
CA LYS C 171 4.08 -30.87 20.68
C LYS C 171 4.20 -32.40 20.70
N TYR C 172 3.38 -33.08 19.91
CA TYR C 172 3.51 -34.55 19.82
C TYR C 172 2.66 -35.09 18.67
N GLU C 173 2.66 -36.40 18.48
CA GLU C 173 1.85 -37.05 17.46
C GLU C 173 1.09 -38.23 18.01
N LEU C 174 0.04 -38.66 17.31
CA LEU C 174 -0.70 -39.85 17.63
C LEU C 174 -0.55 -40.77 16.41
N ARG C 175 -0.10 -41.99 16.60
CA ARG C 175 0.06 -42.93 15.49
C ARG C 175 -0.56 -44.26 15.88
N TRP C 176 -1.24 -44.92 14.94
CA TRP C 176 -1.82 -46.23 15.21
C TRP C 176 -2.21 -46.97 13.94
N LEU C 177 -2.33 -48.29 14.05
CA LEU C 177 -2.77 -49.13 12.95
C LEU C 177 -4.13 -49.70 13.33
N ASP C 178 -4.23 -50.27 14.54
CA ASP C 178 -5.47 -50.81 15.06
C ASP C 178 -6.10 -49.72 15.90
N ASP C 179 -7.36 -49.36 15.56
CA ASP C 179 -8.14 -48.32 16.21
C ASP C 179 -8.21 -48.42 17.74
N ASN C 180 -8.23 -49.65 18.30
CA ASN C 180 -8.31 -49.80 19.75
C ASN C 180 -6.94 -49.97 20.44
N ARG C 181 -5.89 -49.36 19.86
CA ARG C 181 -4.53 -49.37 20.41
C ARG C 181 -3.78 -48.20 19.77
N LYS C 182 -4.11 -46.99 20.24
CA LYS C 182 -3.54 -45.74 19.75
C LYS C 182 -2.32 -45.35 20.58
N PHE C 183 -1.31 -44.78 19.94
CA PHE C 183 -0.07 -44.38 20.62
C PHE C 183 0.24 -42.88 20.55
N ILE C 184 1.19 -42.42 21.37
CA ILE C 184 1.69 -41.06 21.41
C ILE C 184 3.16 -41.11 21.10
N VAL C 185 3.57 -40.49 19.99
CA VAL C 185 5.00 -40.50 19.59
C VAL C 185 5.57 -39.12 19.91
N ARG C 186 6.64 -39.09 20.69
CA ARG C 186 7.31 -37.85 21.05
C ARG C 186 8.61 -37.66 20.25
N SER C 187 9.10 -36.40 20.18
CA SER C 187 10.29 -36.01 19.41
C SER C 187 11.54 -36.86 19.64
N ASN C 188 11.71 -37.34 20.87
CA ASN C 188 12.83 -38.17 21.27
C ASN C 188 12.66 -39.67 20.98
N GLY C 189 11.57 -40.05 20.34
CA GLY C 189 11.35 -41.48 20.01
C GLY C 189 10.51 -42.18 21.06
N VAL C 190 10.08 -41.47 22.09
CA VAL C 190 9.32 -42.09 23.18
C VAL C 190 7.91 -42.38 22.70
N CYS C 191 7.52 -43.65 22.86
CA CYS C 191 6.17 -44.09 22.44
C CYS C 191 5.39 -44.55 23.66
N GLU C 192 4.15 -44.08 23.82
CA GLU C 192 3.31 -44.42 24.95
C GLU C 192 1.90 -44.73 24.51
N VAL C 193 1.25 -45.66 25.19
CA VAL C 193 -0.11 -46.04 24.86
C VAL C 193 -1.07 -44.97 25.31
N LEU C 194 -1.86 -44.41 24.38
CA LEU C 194 -2.82 -43.38 24.68
C LEU C 194 -3.97 -43.93 25.48
N ASP C 195 -4.10 -43.49 26.75
CA ASP C 195 -5.21 -43.89 27.60
C ASP C 195 -6.26 -42.85 27.32
N GLU C 196 -7.13 -43.14 26.35
CA GLU C 196 -8.19 -42.24 25.91
C GLU C 196 -9.14 -41.77 27.05
N GLU C 197 -9.13 -42.47 28.21
CA GLU C 197 -9.92 -42.09 29.38
C GLU C 197 -9.39 -40.77 29.97
N LYS C 198 -8.05 -40.60 29.98
CA LYS C 198 -7.41 -39.39 30.50
C LYS C 198 -6.83 -38.47 29.40
N PHE C 199 -7.04 -38.77 28.11
CA PHE C 199 -6.51 -37.91 27.04
C PHE C 199 -7.41 -36.68 26.89
N PRO C 200 -6.86 -35.46 26.85
CA PRO C 200 -7.71 -34.26 26.84
C PRO C 200 -8.39 -33.91 25.53
N LEU C 201 -7.81 -34.37 24.42
CA LEU C 201 -8.36 -34.08 23.10
C LEU C 201 -9.10 -35.26 22.52
N SER C 202 -9.73 -36.09 23.39
CA SER C 202 -10.48 -37.27 22.97
C SER C 202 -11.76 -36.94 22.23
N GLU C 203 -12.56 -35.99 22.74
CA GLU C 203 -13.80 -35.62 22.06
C GLU C 203 -13.49 -34.95 20.73
N GLU C 204 -12.46 -34.08 20.72
CA GLU C 204 -11.98 -33.36 19.54
C GLU C 204 -11.41 -34.31 18.49
N LEU C 205 -10.81 -35.43 18.92
CA LEU C 205 -10.23 -36.43 18.04
C LEU C 205 -11.34 -37.30 17.45
N ASN C 206 -12.31 -37.69 18.28
CA ASN C 206 -13.42 -38.53 17.84
C ASN C 206 -14.31 -37.84 16.83
N GLN C 207 -14.41 -36.49 16.88
CA GLN C 207 -15.20 -35.76 15.90
C GLN C 207 -14.48 -35.73 14.55
N MET C 208 -13.13 -35.70 14.55
CA MET C 208 -12.27 -35.71 13.37
C MET C 208 -12.36 -37.05 12.66
N LEU C 209 -12.22 -38.16 13.40
CA LEU C 209 -12.29 -39.50 12.82
C LEU C 209 -13.69 -39.89 12.31
N TYR C 210 -14.73 -39.70 13.13
CA TYR C 210 -16.12 -40.10 12.83
C TYR C 210 -17.00 -38.83 12.82
N GLY C 211 -18.25 -38.92 12.36
CA GLY C 211 -19.10 -37.73 12.25
C GLY C 211 -18.72 -36.89 11.03
N GLY C 212 -17.44 -36.97 10.66
CA GLY C 212 -16.83 -36.36 9.49
C GLY C 212 -15.86 -37.34 8.83
N SER D 1 -1.59 67.25 -8.91
CA SER D 1 -0.74 66.18 -8.38
C SER D 1 -1.54 65.16 -7.52
N SER D 2 -0.96 63.99 -7.25
CA SER D 2 -1.63 62.95 -6.47
C SER D 2 -1.60 63.19 -4.96
N VAL D 3 -2.79 63.17 -4.35
CA VAL D 3 -3.04 63.32 -2.91
C VAL D 3 -2.12 62.41 -2.04
N PRO D 4 -1.52 62.99 -0.98
CA PRO D 4 -0.66 62.19 -0.10
C PRO D 4 -1.43 61.15 0.73
N PRO D 5 -0.75 60.21 1.42
CA PRO D 5 -1.49 59.19 2.20
C PRO D 5 -2.48 59.72 3.24
N THR D 6 -3.73 59.22 3.22
CA THR D 6 -4.77 59.63 4.19
C THR D 6 -4.47 59.04 5.57
N PRO D 7 -4.98 59.61 6.69
CA PRO D 7 -4.70 59.02 8.02
C PRO D 7 -5.06 57.54 8.13
N GLU D 8 -6.11 57.09 7.44
CA GLU D 8 -6.49 55.67 7.46
C GLU D 8 -5.48 54.84 6.68
N GLU D 9 -4.98 55.38 5.57
CA GLU D 9 -3.96 54.72 4.75
C GLU D 9 -2.68 54.61 5.55
N ARG D 10 -2.28 55.69 6.23
CA ARG D 10 -1.06 55.67 7.04
C ARG D 10 -1.18 54.66 8.18
N HIS D 11 -2.35 54.60 8.82
CA HIS D 11 -2.58 53.65 9.89
C HIS D 11 -2.52 52.21 9.38
N MET D 12 -2.99 51.96 8.15
CA MET D 12 -2.98 50.63 7.58
C MET D 12 -1.56 50.22 7.14
N LEU D 13 -0.76 51.14 6.57
CA LEU D 13 0.60 50.86 6.15
C LEU D 13 1.51 50.62 7.34
N LEU D 14 1.33 51.39 8.41
CA LEU D 14 2.21 51.28 9.57
C LEU D 14 1.72 50.37 10.68
N ASN D 15 0.42 50.07 10.76
CA ASN D 15 -0.07 49.19 11.83
C ASN D 15 -0.84 47.94 11.38
N GLY D 16 -0.95 47.72 10.08
CA GLY D 16 -1.64 46.55 9.57
C GLY D 16 -0.85 45.27 9.79
N ASP D 17 -1.33 44.16 9.22
CA ASP D 17 -0.64 42.89 9.33
C ASP D 17 0.33 42.78 8.19
N TRP D 18 1.61 43.05 8.46
CA TRP D 18 2.67 42.99 7.45
C TRP D 18 3.80 42.05 7.90
N ILE D 19 4.61 41.59 6.97
CA ILE D 19 5.75 40.71 7.27
C ILE D 19 6.82 41.51 8.02
N ARG D 20 7.09 41.14 9.27
CA ARG D 20 8.10 41.75 10.14
C ARG D 20 9.50 41.23 9.79
N TYR D 21 9.60 39.97 9.40
CA TYR D 21 10.85 39.37 8.95
C TYR D 21 10.58 38.06 8.22
N TYR D 22 11.46 37.71 7.30
CA TYR D 22 11.31 36.47 6.54
C TYR D 22 12.66 35.85 6.24
N HIS D 23 12.69 34.54 6.09
CA HIS D 23 13.88 33.81 5.67
C HIS D 23 13.45 32.53 4.89
N PHE D 24 14.33 31.54 4.76
CA PHE D 24 13.98 30.31 3.98
C PHE D 24 14.16 29.06 4.84
N TYR D 25 13.54 27.93 4.44
CA TYR D 25 13.56 26.70 5.27
C TYR D 25 14.90 25.96 5.20
N PRO D 26 15.42 25.58 4.02
CA PRO D 26 16.73 24.98 3.94
C PRO D 26 17.67 26.04 4.52
N MET D 27 17.80 26.05 5.85
CA MET D 27 18.69 27.03 6.52
C MET D 27 20.03 26.35 6.80
N GLY D 31 23.11 24.70 3.81
CA GLY D 31 23.10 25.01 2.37
C GLY D 31 21.97 24.32 1.65
N GLY D 32 22.16 24.00 0.37
CA GLY D 32 21.12 23.27 -0.40
C GLY D 32 20.13 24.21 -1.04
N ASP D 33 19.17 23.67 -1.80
CA ASP D 33 18.16 24.52 -2.48
C ASP D 33 17.06 24.89 -1.50
N SER D 34 16.30 25.94 -1.80
CA SER D 34 15.24 26.41 -0.89
C SER D 34 13.91 25.82 -1.31
N VAL D 35 13.10 25.36 -0.36
CA VAL D 35 11.83 24.67 -0.71
C VAL D 35 10.64 25.45 -0.11
N ALA D 36 10.91 26.44 0.73
CA ALA D 36 9.80 27.27 1.23
C ALA D 36 10.29 28.60 1.76
N VAL D 37 9.37 29.52 1.99
CA VAL D 37 9.72 30.82 2.57
C VAL D 37 9.03 30.90 3.95
N THR D 38 9.82 31.29 4.96
CA THR D 38 9.32 31.38 6.36
C THR D 38 9.13 32.85 6.73
N TYR D 39 8.09 33.18 7.50
CA TYR D 39 7.80 34.58 7.81
C TYR D 39 7.11 34.80 9.15
N HIS D 40 7.11 36.05 9.62
CA HIS D 40 6.47 36.40 10.87
C HIS D 40 5.61 37.64 10.62
N ILE D 41 4.27 37.49 10.67
CA ILE D 41 3.37 38.62 10.43
C ILE D 41 2.66 39.05 11.71
N GLN D 42 2.08 38.08 12.43
CA GLN D 42 1.31 38.31 13.66
C GLN D 42 2.04 37.79 14.90
N PRO D 43 1.73 38.36 16.09
CA PRO D 43 2.41 37.90 17.31
C PRO D 43 2.24 36.41 17.60
N GLY D 44 3.34 35.76 17.97
CA GLY D 44 3.35 34.34 18.31
C GLY D 44 3.09 33.40 17.14
N ARG D 45 2.94 33.95 15.93
CA ARG D 45 2.67 33.12 14.76
C ARG D 45 3.82 33.14 13.76
N THR D 46 4.36 31.95 13.47
CA THR D 46 5.44 31.76 12.48
C THR D 46 4.87 30.91 11.34
N GLY D 47 4.83 31.47 10.14
CA GLY D 47 4.28 30.77 8.99
C GLY D 47 5.31 30.33 7.97
N VAL D 48 4.91 29.38 7.12
CA VAL D 48 5.77 28.87 6.06
C VAL D 48 4.91 28.69 4.80
N THR D 49 5.44 29.02 3.62
CA THR D 49 4.71 28.86 2.35
C THR D 49 5.57 28.04 1.42
N PHE D 50 5.06 26.90 0.97
CA PHE D 50 5.83 25.97 0.16
C PHE D 50 5.90 26.26 -1.33
N PHE D 51 7.13 26.20 -1.86
CA PHE D 51 7.41 26.44 -3.27
C PHE D 51 7.02 25.29 -4.20
N ASN D 52 6.97 24.04 -3.73
CA ASN D 52 6.67 22.92 -4.60
C ASN D 52 5.63 21.93 -4.00
N HIS D 53 5.13 21.04 -4.87
CA HIS D 53 4.11 20.07 -4.55
C HIS D 53 4.62 18.83 -3.79
N SER D 54 5.89 18.82 -3.36
CA SER D 54 6.39 17.72 -2.53
C SER D 54 5.79 17.82 -1.11
N PHE D 55 5.34 19.02 -0.70
CA PHE D 55 4.74 19.22 0.62
C PHE D 55 3.22 18.94 0.69
N SER D 56 2.47 19.13 -0.42
CA SER D 56 1.02 18.86 -0.53
C SER D 56 0.11 19.65 0.44
N VAL D 57 0.54 20.89 0.75
CA VAL D 57 -0.04 21.98 1.57
C VAL D 57 0.58 23.26 1.02
N HIS D 58 -0.23 24.29 0.75
CA HIS D 58 0.26 25.57 0.25
C HIS D 58 1.00 26.33 1.37
N SER D 59 0.35 26.51 2.53
CA SER D 59 0.95 27.22 3.66
C SER D 59 0.54 26.60 5.00
N ALA D 60 1.30 26.88 6.05
CA ALA D 60 1.00 26.45 7.41
C ALA D 60 1.51 27.50 8.39
N VAL D 61 0.72 27.83 9.42
CA VAL D 61 1.14 28.83 10.41
C VAL D 61 1.14 28.19 11.80
N LEU D 62 2.20 28.38 12.58
CA LEU D 62 2.30 27.78 13.91
C LEU D 62 2.14 28.78 15.06
N SER D 63 1.16 28.55 15.94
CA SER D 63 0.95 29.40 17.10
C SER D 63 1.15 28.53 18.33
N VAL D 64 2.37 28.50 18.86
CA VAL D 64 2.75 27.69 20.02
C VAL D 64 1.88 27.95 21.24
N LEU D 65 1.65 29.23 21.59
CA LEU D 65 0.84 29.59 22.78
C LEU D 65 -0.64 29.30 22.57
N GLU D 66 -1.12 29.40 21.32
CA GLU D 66 -2.51 29.07 20.99
C GLU D 66 -2.75 27.55 20.76
N HIS D 67 -1.66 26.74 20.75
CA HIS D 67 -1.64 25.30 20.56
C HIS D 67 -2.31 24.86 19.26
N ILE D 68 -2.21 25.70 18.20
CA ILE D 68 -2.80 25.38 16.91
C ILE D 68 -1.85 25.58 15.74
N VAL D 69 -2.14 24.91 14.64
CA VAL D 69 -1.45 24.98 13.37
C VAL D 69 -2.55 25.24 12.34
N TYR D 70 -2.47 26.36 11.63
CA TYR D 70 -3.45 26.69 10.60
C TYR D 70 -2.89 26.19 9.28
N VAL D 71 -3.59 25.27 8.61
CA VAL D 71 -3.10 24.65 7.38
C VAL D 71 -3.90 25.02 6.13
N VAL D 72 -3.25 25.64 5.14
CA VAL D 72 -3.90 25.99 3.88
C VAL D 72 -3.53 24.97 2.84
N ASP D 73 -4.53 24.30 2.26
CA ASP D 73 -4.30 23.29 1.23
C ASP D 73 -4.28 23.92 -0.16
N ARG D 74 -5.26 24.80 -0.41
CA ARG D 74 -5.41 25.42 -1.71
C ARG D 74 -5.65 26.90 -1.61
N VAL D 75 -5.15 27.64 -2.59
CA VAL D 75 -5.37 29.08 -2.71
C VAL D 75 -5.87 29.36 -4.15
N ASP D 76 -6.91 30.20 -4.31
CA ASP D 76 -7.43 30.56 -5.63
C ASP D 76 -7.79 32.04 -5.67
N ASP D 80 -10.93 33.94 -4.53
CA ASP D 80 -11.45 34.21 -3.19
C ASP D 80 -11.34 33.00 -2.26
N ASN D 81 -11.62 31.80 -2.78
CA ASN D 81 -11.62 30.59 -1.96
C ASN D 81 -10.28 30.17 -1.38
N ASP D 82 -10.22 29.90 -0.08
CA ASP D 82 -9.02 29.43 0.58
C ASP D 82 -9.36 28.20 1.41
N VAL D 83 -9.11 27.00 0.88
CA VAL D 83 -9.39 25.75 1.58
C VAL D 83 -8.43 25.59 2.76
N ALA D 84 -8.91 25.82 3.99
CA ALA D 84 -8.05 25.80 5.16
C ALA D 84 -8.57 24.93 6.30
N ARG D 85 -7.65 24.46 7.16
CA ARG D 85 -7.93 23.65 8.34
C ARG D 85 -7.27 24.29 9.57
N ILE D 86 -7.79 24.04 10.77
CA ILE D 86 -7.20 24.52 12.00
C ILE D 86 -6.96 23.29 12.86
N LEU D 87 -5.73 22.78 12.85
CA LEU D 87 -5.39 21.58 13.59
C LEU D 87 -4.73 21.90 14.90
N SER D 88 -4.90 21.05 15.91
CA SER D 88 -4.21 21.23 17.18
C SER D 88 -2.75 20.73 17.01
N LEU D 89 -1.86 21.03 17.99
CA LEU D 89 -0.47 20.58 17.91
C LEU D 89 -0.35 19.04 17.85
N ALA D 90 -1.30 18.30 18.46
CA ALA D 90 -1.29 16.83 18.40
C ALA D 90 -1.78 16.31 17.05
N GLN D 91 -2.78 16.98 16.47
CA GLN D 91 -3.31 16.61 15.17
C GLN D 91 -2.29 16.89 14.07
N ALA D 92 -1.54 18.01 14.18
CA ALA D 92 -0.50 18.35 13.21
C ALA D 92 0.63 17.34 13.24
N LEU D 93 1.02 16.89 14.44
CA LEU D 93 2.08 15.91 14.62
C LEU D 93 1.66 14.54 14.07
N ASN D 94 0.39 14.17 14.27
CA ASN D 94 -0.11 12.87 13.83
C ASN D 94 -0.74 12.82 12.45
N GLU D 95 -0.72 13.93 11.69
CA GLU D 95 -1.33 13.93 10.35
C GLU D 95 -0.45 14.62 9.34
N GLU D 96 0.11 15.79 9.71
CA GLU D 96 0.97 16.53 8.80
C GLU D 96 2.36 16.65 9.43
N LYS D 97 2.94 15.50 9.84
CA LYS D 97 4.24 15.47 10.50
C LYS D 97 5.35 16.22 9.73
N LYS D 98 5.50 15.99 8.41
CA LYS D 98 6.54 16.68 7.63
C LYS D 98 6.48 18.20 7.76
N ILE D 99 5.29 18.77 7.64
CA ILE D 99 5.07 20.22 7.76
C ILE D 99 5.25 20.69 9.21
N TYR D 100 4.82 19.89 10.17
CA TYR D 100 4.97 20.23 11.59
C TYR D 100 6.44 20.30 11.98
N ASP D 101 7.26 19.40 11.44
CA ASP D 101 8.68 19.37 11.71
C ASP D 101 9.37 20.62 11.18
N VAL D 102 9.01 21.07 9.99
CA VAL D 102 9.61 22.33 9.45
C VAL D 102 9.16 23.50 10.31
N LEU D 103 7.85 23.60 10.57
CA LEU D 103 7.28 24.68 11.37
C LEU D 103 7.97 24.80 12.73
N GLN D 104 8.33 23.66 13.33
CA GLN D 104 8.98 23.62 14.62
C GLN D 104 10.48 23.90 14.51
N LEU D 105 11.09 23.43 13.43
CA LEU D 105 12.54 23.63 13.22
C LEU D 105 12.79 25.14 13.17
N VAL D 106 12.10 25.83 12.28
CA VAL D 106 12.26 27.31 12.16
C VAL D 106 11.85 27.95 13.50
N GLU D 107 10.64 27.68 13.99
CA GLU D 107 10.30 28.37 15.23
C GLU D 107 11.47 28.28 16.22
N THR D 108 12.17 27.15 16.26
CA THR D 108 13.33 26.96 17.13
C THR D 108 14.49 27.86 16.68
N HIS D 109 14.68 27.99 15.35
CA HIS D 109 15.72 28.85 14.82
C HIS D 109 15.47 30.32 15.18
N ASP D 110 14.25 30.82 14.86
CA ASP D 110 13.85 32.20 15.11
C ASP D 110 13.94 32.62 16.58
N THR D 111 13.42 31.80 17.50
CA THR D 111 13.48 32.13 18.92
C THR D 111 14.92 32.10 19.45
N HIS D 112 15.76 31.21 18.90
CA HIS D 112 17.16 31.12 19.30
C HIS D 112 17.93 32.38 18.85
N MET D 113 17.61 32.91 17.66
CA MET D 113 18.25 34.11 17.13
C MET D 113 17.90 35.31 17.98
N LEU D 114 16.62 35.42 18.36
CA LEU D 114 16.14 36.53 19.18
C LEU D 114 16.66 36.45 20.62
N LYS D 115 16.73 35.24 21.20
CA LYS D 115 17.30 35.08 22.54
C LYS D 115 18.82 35.42 22.56
N GLN D 116 19.47 35.56 21.38
CA GLN D 116 20.89 35.88 21.21
C GLN D 116 21.14 37.34 20.76
N ARG D 117 20.07 38.13 20.52
CA ARG D 117 20.11 39.52 20.04
C ARG D 117 20.46 39.62 18.56
N ARG D 118 20.55 38.48 17.84
CA ARG D 118 20.79 38.46 16.41
C ARG D 118 19.45 38.57 15.63
N SER D 119 19.50 39.02 14.37
CA SER D 119 18.30 39.14 13.55
C SER D 119 17.84 37.76 13.09
N PRO D 120 16.58 37.38 13.38
CA PRO D 120 16.11 36.03 13.00
C PRO D 120 16.00 35.75 11.50
N GLY D 121 15.94 36.79 10.68
CA GLY D 121 15.85 36.67 9.24
C GLY D 121 16.05 38.00 8.55
N ILE D 122 15.58 38.12 7.31
CA ILE D 122 15.66 39.36 6.54
C ILE D 122 14.60 40.29 7.09
N MET D 123 15.04 41.32 7.79
CA MET D 123 14.15 42.23 8.50
C MET D 123 13.40 43.23 7.64
N SER D 124 12.17 43.54 8.03
CA SER D 124 11.34 44.55 7.36
C SER D 124 11.93 45.92 7.64
N VAL D 125 11.78 46.88 6.71
CA VAL D 125 12.31 48.23 6.89
C VAL D 125 11.59 48.96 8.03
N TYR D 126 10.30 48.68 8.23
CA TYR D 126 9.53 49.31 9.29
C TYR D 126 8.82 48.29 10.16
N CYS D 127 9.30 48.14 11.39
CA CYS D 127 8.71 47.12 12.31
C CYS D 127 8.14 47.83 13.52
N PRO D 128 6.81 48.08 13.56
CA PRO D 128 6.19 48.71 14.71
C PRO D 128 6.61 47.93 15.97
N PRO D 129 6.79 48.60 17.11
CA PRO D 129 7.17 47.92 18.34
C PRO D 129 6.01 47.04 18.82
N GLN D 130 5.97 45.80 18.36
CA GLN D 130 4.93 44.86 18.84
C GLN D 130 5.07 44.79 20.36
N THR D 131 3.98 45.02 21.09
CA THR D 131 4.01 44.91 22.57
C THR D 131 3.17 43.71 22.98
N ALA D 132 2.66 42.95 22.00
CA ALA D 132 1.88 41.74 22.32
C ALA D 132 2.66 40.51 21.85
N PHE D 133 2.77 39.50 22.71
CA PHE D 133 3.49 38.24 22.34
C PHE D 133 2.47 37.15 22.04
N GLN D 134 1.18 37.47 21.98
CA GLN D 134 0.21 36.37 21.75
C GLN D 134 -0.94 36.83 20.87
N CYS D 135 -1.22 36.08 19.80
CA CYS D 135 -2.39 36.40 18.94
C CYS D 135 -3.54 35.54 19.42
N ASN D 136 -4.22 35.98 20.47
CA ASN D 136 -5.32 35.17 21.07
C ASN D 136 -6.63 35.42 20.32
N GLY D 137 -7.23 34.37 19.77
CA GLY D 137 -8.53 34.50 19.08
C GLY D 137 -8.77 35.40 17.89
N ASP D 138 -7.90 35.33 16.88
CA ASP D 138 -7.79 36.34 15.80
C ASP D 138 -7.51 35.63 14.48
N PRO D 139 -8.00 36.14 13.33
CA PRO D 139 -7.85 35.44 12.05
C PRO D 139 -6.40 35.25 11.57
N PHE D 140 -6.16 34.28 10.68
CA PHE D 140 -4.82 34.03 10.18
C PHE D 140 -4.45 34.78 8.90
N VAL D 141 -3.25 35.37 8.88
CA VAL D 141 -2.73 36.05 7.70
C VAL D 141 -1.52 35.26 7.27
N PHE D 142 -1.51 34.75 6.05
CA PHE D 142 -0.38 34.00 5.52
C PHE D 142 0.06 34.57 4.14
N VAL D 143 1.06 33.96 3.49
CA VAL D 143 1.50 34.42 2.18
C VAL D 143 0.88 33.57 1.07
N ARG D 144 0.08 34.20 0.18
CA ARG D 144 -0.58 33.54 -0.94
C ARG D 144 0.40 33.27 -2.07
N TRP D 145 1.22 34.26 -2.42
CA TRP D 145 2.20 34.12 -3.50
C TRP D 145 3.47 34.90 -3.18
N TYR D 146 4.55 34.49 -3.80
CA TYR D 146 5.88 35.05 -3.61
C TYR D 146 6.50 35.29 -5.00
N ARG D 147 7.47 36.17 -5.06
CA ARG D 147 8.28 36.37 -6.27
C ARG D 147 9.60 36.92 -5.82
N PHE D 148 10.66 36.19 -6.10
CA PHE D 148 11.99 36.60 -5.62
C PHE D 148 12.95 36.72 -6.80
N HIS D 149 14.22 36.91 -6.51
CA HIS D 149 15.24 36.97 -7.59
C HIS D 149 14.75 37.96 -8.64
N MET D 150 13.85 38.87 -8.26
CA MET D 150 13.42 39.91 -9.21
C MET D 150 14.54 40.96 -9.29
N GLU D 151 14.47 41.83 -10.28
CA GLU D 151 15.51 42.88 -10.47
C GLU D 151 15.35 43.94 -9.37
N ASN D 152 16.42 44.68 -9.07
CA ASN D 152 16.36 45.71 -8.00
C ASN D 152 16.40 45.00 -6.64
N SER D 153 16.85 43.76 -6.64
CA SER D 153 16.90 42.99 -5.37
C SER D 153 15.52 43.05 -4.73
N MET D 154 14.46 42.99 -5.53
CA MET D 154 13.08 43.07 -5.02
C MET D 154 12.55 41.68 -4.63
N SER D 155 11.89 41.57 -3.48
CA SER D 155 11.24 40.30 -3.07
C SER D 155 9.78 40.63 -2.76
N GLY D 156 8.86 40.28 -3.65
CA GLY D 156 7.45 40.61 -3.50
C GLY D 156 6.62 39.49 -2.91
N PHE D 157 5.65 39.85 -2.09
CA PHE D 157 4.76 38.89 -1.45
C PHE D 157 3.32 39.39 -1.57
N MET D 158 2.39 38.46 -1.73
CA MET D 158 0.95 38.80 -1.76
C MET D 158 0.30 38.10 -0.57
N LEU D 159 -0.14 38.86 0.43
CA LEU D 159 -0.70 38.28 1.63
C LEU D 159 -2.14 37.85 1.42
N SER D 160 -2.59 36.88 2.24
CA SER D 160 -3.92 36.32 2.20
C SER D 160 -5.03 37.36 2.37
N ASN D 161 -4.73 38.49 3.02
CA ASN D 161 -5.73 39.55 3.18
C ASN D 161 -5.80 40.52 1.99
N GLY D 162 -5.14 40.20 0.87
CA GLY D 162 -5.14 41.05 -0.32
C GLY D 162 -4.01 42.06 -0.39
N ALA D 163 -3.29 42.26 0.71
CA ALA D 163 -2.20 43.23 0.74
C ALA D 163 -0.99 42.74 -0.04
N VAL D 164 -0.27 43.66 -0.67
CA VAL D 164 0.98 43.28 -1.39
C VAL D 164 2.16 44.01 -0.73
N GLN D 165 3.25 43.28 -0.45
CA GLN D 165 4.40 43.85 0.23
C GLN D 165 5.67 43.52 -0.54
N VAL D 166 6.34 44.52 -1.08
CA VAL D 166 7.55 44.32 -1.86
C VAL D 166 8.77 44.85 -1.14
N PHE D 167 9.80 44.02 -0.99
CA PHE D 167 11.02 44.41 -0.30
C PHE D 167 12.06 44.79 -1.35
N VAL D 168 12.29 46.10 -1.57
CA VAL D 168 13.24 46.55 -2.57
C VAL D 168 14.62 46.68 -1.92
N GLY D 169 15.34 45.57 -1.90
CA GLY D 169 16.66 45.43 -1.30
C GLY D 169 16.47 45.62 0.19
N GLY D 170 17.18 46.55 0.73
CA GLY D 170 16.98 46.97 2.10
C GLY D 170 16.57 48.43 2.19
N LYS D 171 16.64 49.15 1.06
CA LYS D 171 16.41 50.57 0.93
C LYS D 171 15.02 51.01 1.38
N TYR D 172 13.98 50.30 0.95
CA TYR D 172 12.61 50.67 1.29
C TYR D 172 11.65 49.51 0.97
N GLU D 173 10.32 49.74 1.11
CA GLU D 173 9.30 48.76 0.80
C GLU D 173 8.16 49.39 0.02
N LEU D 174 7.38 48.56 -0.66
CA LEU D 174 6.17 48.98 -1.34
C LEU D 174 5.05 48.22 -0.66
N ARG D 175 4.03 48.92 -0.19
CA ARG D 175 2.91 48.26 0.47
C ARG D 175 1.62 48.85 -0.08
N TRP D 176 0.63 47.99 -0.36
CA TRP D 176 -0.67 48.47 -0.88
C TRP D 176 -1.79 47.44 -0.72
N LEU D 177 -3.04 47.92 -0.60
CA LEU D 177 -4.21 47.07 -0.51
C LEU D 177 -4.94 47.18 -1.83
N ASP D 178 -5.20 48.42 -2.29
CA ASP D 178 -5.84 48.73 -3.55
C ASP D 178 -4.74 48.91 -4.58
N ASP D 179 -4.83 48.15 -5.68
CA ASP D 179 -3.77 48.15 -6.71
C ASP D 179 -3.48 49.56 -7.23
N ASN D 180 -4.52 50.37 -7.44
CA ASN D 180 -4.27 51.68 -8.05
C ASN D 180 -3.93 52.78 -7.03
N ARG D 181 -3.30 52.40 -5.92
CA ARG D 181 -2.84 53.32 -4.87
C ARG D 181 -1.77 52.59 -4.05
N LYS D 182 -0.59 52.50 -4.65
CA LYS D 182 0.59 51.83 -4.10
C LYS D 182 1.42 52.85 -3.31
N PHE D 183 2.02 52.40 -2.21
CA PHE D 183 2.80 53.29 -1.35
C PHE D 183 4.25 52.85 -1.20
N ILE D 184 5.08 53.75 -0.66
CA ILE D 184 6.48 53.51 -0.35
C ILE D 184 6.64 53.72 1.15
N VAL D 185 7.01 52.67 1.87
CA VAL D 185 7.22 52.77 3.32
C VAL D 185 8.70 52.79 3.60
N ARG D 186 9.17 53.82 4.28
CA ARG D 186 10.58 53.97 4.62
C ARG D 186 10.84 53.56 6.08
N SER D 187 12.11 53.26 6.41
CA SER D 187 12.55 52.80 7.72
C SER D 187 12.06 53.63 8.91
N ASN D 188 11.96 54.96 8.71
CA ASN D 188 11.50 55.91 9.72
C ASN D 188 9.98 56.03 9.83
N GLY D 189 9.23 55.22 9.09
CA GLY D 189 7.77 55.29 9.11
C GLY D 189 7.17 56.29 8.13
N VAL D 190 8.01 56.87 7.25
CA VAL D 190 7.52 57.81 6.24
C VAL D 190 6.83 57.04 5.13
N CYS D 191 5.58 57.43 4.83
CA CYS D 191 4.76 56.83 3.78
C CYS D 191 4.59 57.83 2.68
N GLU D 192 4.70 57.37 1.43
CA GLU D 192 4.48 58.23 0.29
C GLU D 192 3.81 57.50 -0.85
N VAL D 193 2.96 58.21 -1.60
CA VAL D 193 2.25 57.61 -2.72
C VAL D 193 3.19 57.40 -3.90
N LEU D 194 3.31 56.15 -4.35
CA LEU D 194 4.15 55.80 -5.48
C LEU D 194 3.50 56.32 -6.79
N ASP D 195 4.19 57.24 -7.49
CA ASP D 195 3.71 57.76 -8.77
C ASP D 195 4.11 56.75 -9.85
N GLU D 196 3.26 55.76 -10.05
CA GLU D 196 3.47 54.68 -11.02
C GLU D 196 3.72 55.16 -12.46
N GLU D 197 3.38 56.43 -12.77
CA GLU D 197 3.61 57.01 -14.09
C GLU D 197 5.13 57.15 -14.34
N LYS D 198 5.86 57.76 -13.40
CA LYS D 198 7.30 58.00 -13.63
C LYS D 198 8.05 56.74 -13.22
N PHE D 199 7.47 55.99 -12.30
CA PHE D 199 8.09 54.72 -11.84
C PHE D 199 7.16 53.56 -12.20
N PRO D 200 6.92 53.27 -13.50
CA PRO D 200 6.10 52.12 -13.88
C PRO D 200 6.69 50.81 -13.30
N SER D 202 9.37 46.30 -12.72
CA SER D 202 7.97 46.44 -13.15
C SER D 202 7.47 45.20 -13.89
N GLU D 203 8.22 44.68 -14.87
CA GLU D 203 7.77 43.49 -15.62
C GLU D 203 7.71 42.28 -14.70
N GLU D 204 8.73 42.15 -13.81
CA GLU D 204 8.81 41.06 -12.84
C GLU D 204 7.71 41.15 -11.78
N LEU D 205 7.15 42.34 -11.58
CA LEU D 205 6.11 42.48 -10.54
C LEU D 205 4.75 42.27 -11.19
N ASN D 206 4.62 42.65 -12.45
CA ASN D 206 3.32 42.56 -13.15
C ASN D 206 3.07 41.12 -13.53
N GLN D 207 4.08 40.27 -13.39
CA GLN D 207 3.89 38.82 -13.64
C GLN D 207 3.56 38.15 -12.31
N MET D 208 4.13 38.63 -11.20
CA MET D 208 3.74 38.08 -9.87
C MET D 208 2.28 38.42 -9.68
N LEU D 209 1.91 39.68 -9.92
CA LEU D 209 0.47 40.03 -9.92
C LEU D 209 0.00 39.71 -11.33
N TYR D 210 -1.31 39.57 -11.54
CA TYR D 210 -1.82 39.36 -12.91
C TYR D 210 -1.28 38.03 -13.46
#